data_1YE6
#
_entry.id   1YE6
#
_cell.length_a   180.005
_cell.length_b   127.988
_cell.length_c   80.074
_cell.angle_alpha   90.00
_cell.angle_beta   90.22
_cell.angle_gamma   90.00
#
_symmetry.space_group_name_H-M   'C 1 2 1'
#
loop_
_entity.id
_entity.type
_entity.pdbx_description
1 polymer 'NAD(P)H-dependent D-xylose reductase'
2 non-polymer 'SULFATE ION'
3 non-polymer 'NADP NICOTINAMIDE-ADENINE-DINUCLEOTIDE PHOSPHATE'
4 non-polymer NICOTINAMIDE-ADENINE-DINUCLEOTIDE
5 water water
#
_entity_poly.entity_id   1
_entity_poly.type   'polypeptide(L)'
_entity_poly.pdbx_seq_one_letter_code
;MSASIPDIKLSSGHLMPSIGFGCWKLANATAGEQVYQAIKAGYRLFDGAEDYGNEKEVGDGVKRAIDEGLVKREEIFLTS
KLWNNYHDPKNVETALNKTLADLKVDYVDLFLIHFPIAFKFVPIEEKYPPGFYCGDGNNFVYEDVPILETWKALEKLVAA
GKIKSIGVSNFPGALLLDLLRGATIKPAVLQVEHHPYLQQPKLIEFAQKAGVTITAYSSFGPQSFVEMNQGRALNTPTLF
AHDTIKAIAAKYNKTPAEVLLRWAAQRGIAVIPRSNLPERLVQNRSFNTFDLTKEDFEEIAKLDIGLRFNDPWDWDNIPI
FV
;
_entity_poly.pdbx_strand_id   A,B,C,D
#
# COMPACT_ATOMS: atom_id res chain seq x y z
N SER A 4 -73.68 2.89 -17.44
CA SER A 4 -73.08 1.54 -17.29
C SER A 4 -71.85 1.58 -16.37
N ILE A 5 -71.66 0.51 -15.59
CA ILE A 5 -70.54 0.42 -14.67
C ILE A 5 -69.47 -0.47 -15.28
N PRO A 6 -68.36 0.12 -15.76
CA PRO A 6 -67.28 -0.64 -16.36
C PRO A 6 -66.71 -1.73 -15.45
N ASP A 7 -66.35 -2.86 -16.06
CA ASP A 7 -65.78 -3.97 -15.31
C ASP A 7 -64.26 -3.97 -15.35
N ILE A 8 -63.66 -4.61 -14.36
CA ILE A 8 -62.22 -4.70 -14.27
C ILE A 8 -61.85 -6.18 -14.29
N LYS A 9 -61.02 -6.59 -15.23
CA LYS A 9 -60.62 -7.99 -15.30
C LYS A 9 -59.49 -8.24 -14.29
N LEU A 10 -59.79 -9.01 -13.26
CA LEU A 10 -58.81 -9.33 -12.23
C LEU A 10 -57.75 -10.28 -12.77
N SER A 11 -56.64 -10.38 -12.06
CA SER A 11 -55.53 -11.26 -12.45
C SER A 11 -55.99 -12.72 -12.43
N SER A 12 -57.11 -12.97 -11.78
CA SER A 12 -57.66 -14.31 -11.68
C SER A 12 -58.45 -14.64 -12.94
N GLY A 13 -58.68 -13.64 -13.77
CA GLY A 13 -59.44 -13.85 -15.00
C GLY A 13 -60.90 -13.45 -14.84
N HIS A 14 -61.36 -13.33 -13.60
CA HIS A 14 -62.76 -12.94 -13.34
C HIS A 14 -62.97 -11.43 -13.43
N LEU A 15 -64.18 -11.04 -13.81
CA LEU A 15 -64.51 -9.63 -13.93
C LEU A 15 -65.07 -9.08 -12.62
N MET A 16 -64.66 -7.86 -12.26
CA MET A 16 -65.13 -7.23 -11.04
C MET A 16 -65.66 -5.84 -11.35
N PRO A 17 -66.91 -5.56 -10.98
CA PRO A 17 -67.47 -4.24 -11.24
C PRO A 17 -66.56 -3.17 -10.62
N SER A 18 -66.35 -2.08 -11.36
CA SER A 18 -65.48 -1.00 -10.89
C SER A 18 -66.14 -0.16 -9.80
N ILE A 19 -67.44 -0.37 -9.60
CA ILE A 19 -68.20 0.36 -8.58
C ILE A 19 -69.06 -0.64 -7.82
N GLY A 20 -69.02 -0.56 -6.49
CA GLY A 20 -69.82 -1.47 -5.68
C GLY A 20 -70.52 -0.74 -4.55
N PHE A 21 -71.24 -1.52 -3.74
CA PHE A 21 -71.97 -0.95 -2.62
C PHE A 21 -71.33 -1.38 -1.30
N GLY A 22 -70.81 -0.41 -0.56
CA GLY A 22 -70.18 -0.72 0.70
C GLY A 22 -71.24 -1.22 1.67
N CYS A 23 -70.93 -2.27 2.41
CA CYS A 23 -71.89 -2.82 3.37
C CYS A 23 -71.52 -2.57 4.82
N TRP A 24 -70.41 -1.88 5.05
CA TRP A 24 -70.03 -1.60 6.42
C TRP A 24 -71.06 -0.68 7.06
N LYS A 25 -71.42 -0.97 8.30
CA LYS A 25 -72.39 -0.18 9.05
C LYS A 25 -73.83 -0.25 8.57
N LEU A 26 -74.12 -1.17 7.67
CA LEU A 26 -75.49 -1.35 7.20
C LEU A 26 -76.21 -2.04 8.35
N ALA A 27 -77.24 -1.39 8.90
CA ALA A 27 -78.01 -1.95 10.02
C ALA A 27 -78.51 -3.35 9.70
N ASN A 28 -78.48 -4.25 10.68
CA ASN A 28 -78.96 -5.61 10.45
C ASN A 28 -80.42 -5.66 10.04
N ALA A 29 -81.23 -4.82 10.69
CA ALA A 29 -82.66 -4.78 10.40
C ALA A 29 -83.02 -4.30 8.99
N THR A 30 -82.17 -3.48 8.38
CA THR A 30 -82.46 -2.96 7.05
C THR A 30 -81.48 -3.38 5.97
N ALA A 31 -80.40 -4.02 6.36
CA ALA A 31 -79.38 -4.45 5.42
C ALA A 31 -79.97 -5.20 4.22
N GLY A 32 -80.87 -6.13 4.49
CA GLY A 32 -81.47 -6.90 3.41
C GLY A 32 -82.16 -6.02 2.39
N GLU A 33 -83.09 -5.19 2.85
CA GLU A 33 -83.84 -4.29 1.99
C GLU A 33 -82.90 -3.38 1.21
N GLN A 34 -81.89 -2.85 1.90
CA GLN A 34 -80.93 -1.96 1.26
C GLN A 34 -80.13 -2.63 0.14
N VAL A 35 -79.65 -3.85 0.37
CA VAL A 35 -78.90 -4.53 -0.67
C VAL A 35 -79.85 -4.80 -1.84
N TYR A 36 -81.08 -5.19 -1.52
CA TYR A 36 -82.09 -5.47 -2.51
C TYR A 36 -82.32 -4.23 -3.39
N GLN A 37 -82.53 -3.08 -2.76
CA GLN A 37 -82.75 -1.83 -3.48
C GLN A 37 -81.54 -1.45 -4.33
N ALA A 38 -80.35 -1.71 -3.80
CA ALA A 38 -79.10 -1.42 -4.50
C ALA A 38 -79.06 -2.23 -5.79
N ILE A 39 -79.51 -3.49 -5.70
CA ILE A 39 -79.52 -4.34 -6.88
C ILE A 39 -80.48 -3.76 -7.90
N LYS A 40 -81.64 -3.30 -7.45
CA LYS A 40 -82.62 -2.72 -8.37
C LYS A 40 -82.03 -1.46 -9.00
N ALA A 41 -81.24 -0.72 -8.21
CA ALA A 41 -80.62 0.51 -8.70
C ALA A 41 -79.46 0.23 -9.64
N GLY A 42 -79.08 -1.03 -9.77
CA GLY A 42 -77.99 -1.37 -10.67
C GLY A 42 -76.70 -1.90 -10.08
N TYR A 43 -76.51 -1.79 -8.77
CA TYR A 43 -75.28 -2.29 -8.17
C TYR A 43 -75.21 -3.81 -8.29
N ARG A 44 -74.00 -4.33 -8.52
CA ARG A 44 -73.81 -5.77 -8.66
C ARG A 44 -72.74 -6.30 -7.71
N LEU A 45 -71.89 -5.41 -7.22
CA LEU A 45 -70.84 -5.82 -6.30
C LEU A 45 -71.16 -5.29 -4.93
N PHE A 46 -71.01 -6.14 -3.92
CA PHE A 46 -71.27 -5.73 -2.56
C PHE A 46 -70.07 -6.08 -1.72
N ASP A 47 -69.50 -5.06 -1.11
CA ASP A 47 -68.31 -5.24 -0.30
C ASP A 47 -68.70 -5.47 1.15
N GLY A 48 -68.55 -6.72 1.60
CA GLY A 48 -68.89 -7.07 2.95
C GLY A 48 -67.69 -7.58 3.73
N ALA A 49 -67.96 -8.08 4.94
CA ALA A 49 -66.91 -8.59 5.81
C ALA A 49 -67.51 -9.28 7.03
N GLU A 50 -66.89 -10.38 7.45
CA GLU A 50 -67.38 -11.11 8.61
C GLU A 50 -67.47 -10.15 9.79
N ASP A 51 -66.50 -9.23 9.88
CA ASP A 51 -66.48 -8.28 10.97
C ASP A 51 -67.62 -7.25 10.95
N TYR A 52 -68.32 -7.14 9.82
CA TYR A 52 -69.43 -6.19 9.72
C TYR A 52 -70.71 -6.76 10.37
N GLY A 53 -70.65 -8.02 10.79
CA GLY A 53 -71.77 -8.67 11.45
C GLY A 53 -73.13 -8.65 10.78
N ASN A 54 -73.18 -8.45 9.46
CA ASN A 54 -74.46 -8.40 8.78
C ASN A 54 -74.47 -9.15 7.45
N GLU A 55 -73.64 -10.17 7.36
CA GLU A 55 -73.58 -10.96 6.13
C GLU A 55 -74.83 -11.78 5.93
N LYS A 56 -75.44 -12.22 7.04
CA LYS A 56 -76.66 -13.00 6.95
C LYS A 56 -77.71 -12.13 6.26
N GLU A 57 -77.82 -10.87 6.70
CA GLU A 57 -78.79 -9.95 6.12
C GLU A 57 -78.42 -9.54 4.70
N VAL A 58 -77.14 -9.38 4.41
CA VAL A 58 -76.73 -9.01 3.06
C VAL A 58 -77.18 -10.16 2.14
N GLY A 59 -77.08 -11.38 2.67
CA GLY A 59 -77.48 -12.54 1.92
C GLY A 59 -78.98 -12.54 1.67
N ASP A 60 -79.76 -12.14 2.68
CA ASP A 60 -81.21 -12.08 2.52
C ASP A 60 -81.53 -11.20 1.32
N GLY A 61 -80.98 -9.99 1.33
CA GLY A 61 -81.23 -9.08 0.23
C GLY A 61 -80.88 -9.68 -1.11
N VAL A 62 -79.76 -10.38 -1.19
CA VAL A 62 -79.33 -10.99 -2.45
C VAL A 62 -80.27 -12.12 -2.87
N LYS A 63 -80.63 -12.96 -1.91
CA LYS A 63 -81.53 -14.07 -2.18
C LYS A 63 -82.85 -13.54 -2.73
N ARG A 64 -83.39 -12.50 -2.11
CA ARG A 64 -84.65 -11.94 -2.57
C ARG A 64 -84.58 -11.44 -4.00
N ALA A 65 -83.48 -10.78 -4.35
CA ALA A 65 -83.34 -10.26 -5.70
C ALA A 65 -83.32 -11.41 -6.70
N ILE A 66 -82.66 -12.50 -6.33
CA ILE A 66 -82.56 -13.68 -7.18
C ILE A 66 -83.92 -14.36 -7.28
N ASP A 67 -84.54 -14.62 -6.13
CA ASP A 67 -85.84 -15.26 -6.10
C ASP A 67 -86.91 -14.53 -6.91
N GLU A 68 -86.73 -13.23 -7.09
CA GLU A 68 -87.70 -12.46 -7.87
C GLU A 68 -87.28 -12.43 -9.33
N GLY A 69 -86.17 -13.06 -9.64
CA GLY A 69 -85.68 -13.11 -11.01
C GLY A 69 -85.04 -11.82 -11.47
N LEU A 70 -84.61 -10.98 -10.53
CA LEU A 70 -83.97 -9.72 -10.87
C LEU A 70 -82.57 -9.97 -11.43
N VAL A 71 -81.86 -10.92 -10.82
CA VAL A 71 -80.50 -11.27 -11.23
C VAL A 71 -80.22 -12.73 -10.90
N LYS A 72 -79.16 -13.27 -11.51
CA LYS A 72 -78.75 -14.65 -11.24
C LYS A 72 -77.51 -14.56 -10.34
N ARG A 73 -77.22 -15.61 -9.60
CA ARG A 73 -76.04 -15.61 -8.73
C ARG A 73 -74.81 -15.24 -9.55
N GLU A 74 -74.73 -15.75 -10.76
CA GLU A 74 -73.59 -15.48 -11.64
C GLU A 74 -73.40 -13.99 -11.92
N GLU A 75 -74.48 -13.22 -11.76
CA GLU A 75 -74.42 -11.79 -12.03
C GLU A 75 -74.02 -10.93 -10.83
N ILE A 76 -74.06 -11.50 -9.64
CA ILE A 76 -73.70 -10.77 -8.43
C ILE A 76 -72.26 -11.07 -8.02
N PHE A 77 -71.53 -10.02 -7.63
CA PHE A 77 -70.14 -10.18 -7.21
C PHE A 77 -70.06 -9.91 -5.70
N LEU A 78 -69.80 -10.95 -4.92
CA LEU A 78 -69.73 -10.81 -3.48
C LEU A 78 -68.31 -10.86 -2.93
N THR A 79 -67.96 -9.82 -2.18
CA THR A 79 -66.65 -9.71 -1.56
C THR A 79 -66.77 -9.84 -0.05
N SER A 80 -65.98 -10.71 0.54
CA SER A 80 -65.99 -10.86 1.98
C SER A 80 -64.54 -10.81 2.44
N LYS A 81 -64.33 -10.68 3.74
CA LYS A 81 -62.99 -10.59 4.28
C LYS A 81 -62.82 -11.47 5.53
N LEU A 82 -61.67 -12.12 5.61
CA LEU A 82 -61.30 -12.99 6.72
C LEU A 82 -60.89 -12.13 7.90
N TRP A 83 -61.60 -12.22 9.03
CA TRP A 83 -61.23 -11.40 10.18
C TRP A 83 -59.95 -11.86 10.87
N ASN A 84 -59.31 -10.97 11.63
CA ASN A 84 -58.06 -11.23 12.32
C ASN A 84 -57.95 -12.48 13.21
N ASN A 85 -59.04 -12.90 13.83
CA ASN A 85 -58.99 -14.07 14.72
C ASN A 85 -58.90 -15.38 13.94
N TYR A 86 -59.14 -15.32 12.64
CA TYR A 86 -59.14 -16.52 11.81
C TYR A 86 -57.95 -16.73 10.86
N HIS A 87 -56.77 -16.25 11.23
CA HIS A 87 -55.60 -16.42 10.36
C HIS A 87 -54.97 -17.83 10.46
N ASP A 88 -55.00 -18.43 11.65
CA ASP A 88 -54.44 -19.77 11.82
C ASP A 88 -55.13 -20.64 10.76
N PRO A 89 -54.37 -21.26 9.85
CA PRO A 89 -54.89 -22.11 8.77
C PRO A 89 -56.06 -23.05 9.09
N LYS A 90 -56.01 -23.69 10.26
CA LYS A 90 -57.07 -24.61 10.65
C LYS A 90 -58.38 -23.91 10.95
N ASN A 91 -58.36 -22.59 11.00
CA ASN A 91 -59.57 -21.83 11.29
C ASN A 91 -60.07 -21.07 10.08
N VAL A 92 -59.28 -21.04 9.01
CA VAL A 92 -59.64 -20.32 7.80
C VAL A 92 -60.89 -20.86 7.12
N GLU A 93 -60.96 -22.16 6.93
CA GLU A 93 -62.12 -22.75 6.28
C GLU A 93 -63.38 -22.56 7.12
N THR A 94 -63.26 -22.76 8.43
CA THR A 94 -64.42 -22.61 9.31
C THR A 94 -64.97 -21.20 9.21
N ALA A 95 -64.08 -20.23 9.09
CA ALA A 95 -64.51 -18.83 8.97
C ALA A 95 -65.14 -18.60 7.61
N LEU A 96 -64.54 -19.16 6.56
CA LEU A 96 -65.09 -19.00 5.23
C LEU A 96 -66.47 -19.66 5.13
N ASN A 97 -66.65 -20.77 5.84
CA ASN A 97 -67.94 -21.48 5.82
C ASN A 97 -69.03 -20.64 6.46
N LYS A 98 -68.72 -20.06 7.62
CA LYS A 98 -69.68 -19.22 8.32
C LYS A 98 -70.12 -18.08 7.39
N THR A 99 -69.17 -17.59 6.59
CA THR A 99 -69.47 -16.52 5.65
C THR A 99 -70.34 -17.05 4.53
N LEU A 100 -70.02 -18.23 4.02
CA LEU A 100 -70.78 -18.83 2.94
C LEU A 100 -72.23 -19.11 3.36
N ALA A 101 -72.41 -19.63 4.57
CA ALA A 101 -73.74 -19.92 5.09
C ALA A 101 -74.53 -18.62 5.25
N ASP A 102 -73.95 -17.67 5.99
CA ASP A 102 -74.58 -16.38 6.21
C ASP A 102 -75.06 -15.76 4.91
N LEU A 103 -74.22 -15.78 3.88
CA LEU A 103 -74.57 -15.18 2.60
C LEU A 103 -75.48 -16.11 1.78
N LYS A 104 -75.62 -17.34 2.24
CA LYS A 104 -76.46 -18.30 1.54
C LYS A 104 -76.00 -18.52 0.09
N VAL A 105 -74.70 -18.78 -0.07
CA VAL A 105 -74.12 -19.05 -1.39
C VAL A 105 -73.05 -20.13 -1.25
N ASP A 106 -72.67 -20.74 -2.37
CA ASP A 106 -71.68 -21.81 -2.38
C ASP A 106 -70.25 -21.28 -2.44
N TYR A 107 -70.09 -20.07 -2.95
CA TYR A 107 -68.78 -19.46 -3.09
C TYR A 107 -68.85 -17.94 -3.02
N VAL A 108 -67.74 -17.30 -2.66
CA VAL A 108 -67.67 -15.86 -2.64
C VAL A 108 -66.81 -15.50 -3.84
N ASP A 109 -67.12 -14.38 -4.49
CA ASP A 109 -66.36 -13.95 -5.66
C ASP A 109 -64.98 -13.46 -5.26
N LEU A 110 -64.90 -12.82 -4.09
CA LEU A 110 -63.64 -12.30 -3.60
C LEU A 110 -63.55 -12.44 -2.09
N PHE A 111 -62.45 -13.01 -1.62
CA PHE A 111 -62.24 -13.19 -0.20
C PHE A 111 -60.88 -12.55 0.10
N LEU A 112 -60.90 -11.51 0.92
CA LEU A 112 -59.67 -10.79 1.24
C LEU A 112 -59.24 -10.98 2.68
N ILE A 113 -57.93 -10.98 2.90
CA ILE A 113 -57.40 -11.05 4.25
C ILE A 113 -57.68 -9.61 4.70
N HIS A 114 -58.57 -9.46 5.67
CA HIS A 114 -58.96 -8.13 6.12
C HIS A 114 -57.82 -7.25 6.63
N PHE A 115 -56.92 -7.83 7.42
CA PHE A 115 -55.77 -7.10 7.98
C PHE A 115 -54.57 -8.02 8.16
N PRO A 116 -53.35 -7.51 7.94
CA PRO A 116 -52.18 -8.35 8.13
C PRO A 116 -51.91 -8.42 9.63
N ILE A 117 -52.94 -8.78 10.38
CA ILE A 117 -52.91 -8.87 11.83
C ILE A 117 -53.59 -10.18 12.24
N ALA A 118 -52.92 -10.97 13.07
CA ALA A 118 -53.49 -12.26 13.49
C ALA A 118 -53.87 -12.33 14.97
N PHE A 119 -55.16 -12.12 15.27
CA PHE A 119 -55.68 -12.18 16.64
C PHE A 119 -55.82 -13.64 17.10
N LYS A 120 -55.77 -13.86 18.41
CA LYS A 120 -55.93 -15.21 18.97
C LYS A 120 -57.32 -15.72 18.63
N PHE A 121 -57.40 -16.95 18.14
CA PHE A 121 -58.69 -17.52 17.77
C PHE A 121 -59.73 -17.46 18.87
N VAL A 122 -60.96 -17.15 18.46
CA VAL A 122 -62.12 -17.08 19.34
C VAL A 122 -63.22 -17.83 18.61
N PRO A 123 -63.81 -18.86 19.25
CA PRO A 123 -64.88 -19.64 18.62
C PRO A 123 -66.08 -18.80 18.20
N ILE A 124 -66.63 -19.10 17.02
CA ILE A 124 -67.79 -18.39 16.51
C ILE A 124 -68.93 -18.41 17.53
N GLU A 125 -69.04 -19.51 18.26
CA GLU A 125 -70.07 -19.70 19.28
C GLU A 125 -69.84 -18.85 20.52
N GLU A 126 -68.59 -18.48 20.77
CA GLU A 126 -68.27 -17.68 21.94
C GLU A 126 -68.60 -16.21 21.71
N LYS A 127 -68.37 -15.73 20.49
CA LYS A 127 -68.64 -14.35 20.12
C LYS A 127 -68.44 -14.14 18.63
N TYR A 128 -69.47 -13.65 17.96
CA TYR A 128 -69.36 -13.42 16.53
C TYR A 128 -70.19 -12.24 16.02
N PRO A 129 -69.54 -11.26 15.37
CA PRO A 129 -68.10 -11.23 15.11
C PRO A 129 -67.33 -10.82 16.37
N PRO A 130 -66.10 -11.33 16.52
CA PRO A 130 -65.25 -11.03 17.69
C PRO A 130 -64.72 -9.61 17.81
N GLY A 131 -64.60 -8.91 16.68
CA GLY A 131 -64.08 -7.57 16.72
C GLY A 131 -62.68 -7.58 17.33
N PHE A 132 -62.49 -6.79 18.39
CA PHE A 132 -61.19 -6.73 19.04
C PHE A 132 -61.08 -7.72 20.20
N TYR A 133 -62.07 -8.57 20.36
CA TYR A 133 -62.03 -9.56 21.43
C TYR A 133 -61.09 -10.68 21.05
N CYS A 134 -60.18 -11.02 21.96
CA CYS A 134 -59.22 -12.07 21.69
C CYS A 134 -59.26 -13.25 22.65
N GLY A 135 -60.31 -13.33 23.46
CA GLY A 135 -60.44 -14.45 24.39
C GLY A 135 -59.98 -14.18 25.81
N ASP A 136 -59.52 -12.96 26.09
CA ASP A 136 -59.06 -12.62 27.42
C ASP A 136 -59.44 -11.19 27.80
N GLY A 137 -60.71 -10.99 28.11
CA GLY A 137 -61.18 -9.66 28.47
C GLY A 137 -60.95 -8.64 27.38
N ASN A 138 -60.36 -7.51 27.75
CA ASN A 138 -60.09 -6.44 26.79
C ASN A 138 -58.65 -6.48 26.29
N ASN A 139 -57.94 -7.53 26.63
CA ASN A 139 -56.55 -7.66 26.21
C ASN A 139 -56.43 -8.18 24.80
N PHE A 140 -55.41 -7.70 24.09
CA PHE A 140 -55.17 -8.18 22.76
C PHE A 140 -54.23 -9.37 22.91
N VAL A 141 -54.47 -10.41 22.13
CA VAL A 141 -53.65 -11.61 22.15
C VAL A 141 -53.48 -11.99 20.69
N TYR A 142 -52.24 -12.21 20.27
CA TYR A 142 -51.97 -12.54 18.89
C TYR A 142 -51.46 -13.96 18.70
N GLU A 143 -51.50 -14.45 17.47
CA GLU A 143 -51.02 -15.78 17.16
C GLU A 143 -49.83 -15.62 16.23
N ASP A 144 -48.83 -16.51 16.36
CA ASP A 144 -47.66 -16.43 15.50
C ASP A 144 -47.95 -17.18 14.21
N VAL A 145 -48.75 -16.56 13.34
CA VAL A 145 -49.09 -17.16 12.06
C VAL A 145 -48.66 -16.27 10.91
N PRO A 146 -47.55 -16.62 10.22
CA PRO A 146 -47.10 -15.78 9.10
C PRO A 146 -48.20 -15.61 8.06
N ILE A 147 -48.19 -14.48 7.37
CA ILE A 147 -49.19 -14.17 6.34
C ILE A 147 -49.30 -15.29 5.31
N LEU A 148 -48.16 -15.76 4.81
CA LEU A 148 -48.12 -16.81 3.80
C LEU A 148 -48.88 -18.07 4.20
N GLU A 149 -48.85 -18.41 5.49
CA GLU A 149 -49.58 -19.59 5.96
C GLU A 149 -51.05 -19.38 5.69
N THR A 150 -51.56 -18.23 6.11
CA THR A 150 -52.95 -17.89 5.91
C THR A 150 -53.28 -17.88 4.42
N TRP A 151 -52.39 -17.31 3.63
CA TRP A 151 -52.60 -17.21 2.19
C TRP A 151 -52.70 -18.57 1.52
N LYS A 152 -51.80 -19.48 1.87
CA LYS A 152 -51.84 -20.82 1.28
C LYS A 152 -53.17 -21.46 1.62
N ALA A 153 -53.64 -21.28 2.86
CA ALA A 153 -54.93 -21.83 3.24
C ALA A 153 -55.99 -21.31 2.27
N LEU A 154 -55.93 -20.01 1.98
CA LEU A 154 -56.88 -19.41 1.05
C LEU A 154 -56.75 -20.02 -0.35
N GLU A 155 -55.52 -20.26 -0.78
CA GLU A 155 -55.28 -20.82 -2.10
C GLU A 155 -55.96 -22.19 -2.22
N LYS A 156 -55.86 -23.00 -1.17
CA LYS A 156 -56.48 -24.32 -1.19
C LYS A 156 -57.99 -24.14 -1.37
N LEU A 157 -58.55 -23.18 -0.65
CA LEU A 157 -59.99 -22.91 -0.72
C LEU A 157 -60.45 -22.44 -2.09
N VAL A 158 -59.55 -21.91 -2.90
CA VAL A 158 -59.92 -21.48 -4.25
C VAL A 158 -59.96 -22.74 -5.11
N ALA A 159 -59.04 -23.66 -4.83
CA ALA A 159 -58.97 -24.90 -5.57
C ALA A 159 -60.22 -25.71 -5.27
N ALA A 160 -60.75 -25.57 -4.06
CA ALA A 160 -61.95 -26.30 -3.67
C ALA A 160 -63.23 -25.66 -4.21
N GLY A 161 -63.08 -24.64 -5.05
CA GLY A 161 -64.23 -23.98 -5.62
C GLY A 161 -65.07 -23.09 -4.71
N LYS A 162 -64.62 -22.87 -3.48
CA LYS A 162 -65.36 -22.02 -2.54
C LYS A 162 -65.05 -20.53 -2.67
N ILE A 163 -64.01 -20.19 -3.43
CA ILE A 163 -63.61 -18.80 -3.64
C ILE A 163 -63.16 -18.62 -5.10
N LYS A 164 -63.64 -17.57 -5.77
CA LYS A 164 -63.26 -17.33 -7.16
C LYS A 164 -61.95 -16.54 -7.28
N SER A 165 -61.79 -15.53 -6.42
CA SER A 165 -60.58 -14.73 -6.43
C SER A 165 -60.22 -14.36 -4.99
N ILE A 166 -58.93 -14.24 -4.72
CA ILE A 166 -58.48 -13.87 -3.39
C ILE A 166 -57.60 -12.64 -3.44
N GLY A 167 -57.57 -11.91 -2.34
CA GLY A 167 -56.76 -10.70 -2.30
C GLY A 167 -56.42 -10.31 -0.88
N VAL A 168 -55.89 -9.11 -0.73
CA VAL A 168 -55.52 -8.61 0.58
C VAL A 168 -56.01 -7.18 0.79
N SER A 169 -56.10 -6.80 2.06
CA SER A 169 -56.56 -5.47 2.42
C SER A 169 -55.65 -4.90 3.50
N ASN A 170 -55.39 -3.60 3.43
CA ASN A 170 -54.55 -2.94 4.42
C ASN A 170 -53.13 -3.49 4.48
N PHE A 171 -52.61 -3.86 3.31
CA PHE A 171 -51.25 -4.39 3.18
C PHE A 171 -50.31 -3.32 2.65
N PRO A 172 -49.26 -2.98 3.42
CA PRO A 172 -48.34 -1.97 2.89
C PRO A 172 -47.47 -2.63 1.80
N GLY A 173 -46.78 -1.81 1.01
CA GLY A 173 -45.95 -2.33 -0.07
C GLY A 173 -44.95 -3.45 0.19
N ALA A 174 -44.16 -3.34 1.26
CA ALA A 174 -43.15 -4.36 1.56
C ALA A 174 -43.77 -5.73 1.82
N LEU A 175 -44.89 -5.71 2.54
CA LEU A 175 -45.62 -6.93 2.89
C LEU A 175 -46.23 -7.56 1.65
N LEU A 176 -46.80 -6.72 0.77
CA LEU A 176 -47.41 -7.23 -0.44
C LEU A 176 -46.33 -7.88 -1.31
N LEU A 177 -45.17 -7.24 -1.39
CA LEU A 177 -44.08 -7.77 -2.18
C LEU A 177 -43.66 -9.15 -1.67
N ASP A 178 -43.44 -9.28 -0.37
CA ASP A 178 -43.03 -10.56 0.19
C ASP A 178 -44.05 -11.64 -0.05
N LEU A 179 -45.33 -11.27 -0.06
CA LEU A 179 -46.39 -12.25 -0.31
C LEU A 179 -46.33 -12.70 -1.76
N LEU A 180 -46.05 -11.77 -2.67
CA LEU A 180 -45.96 -12.11 -4.09
C LEU A 180 -44.85 -13.14 -4.32
N ARG A 181 -43.87 -13.17 -3.41
CA ARG A 181 -42.76 -14.12 -3.53
C ARG A 181 -43.12 -15.56 -3.19
N GLY A 182 -44.01 -15.75 -2.23
CA GLY A 182 -44.39 -17.11 -1.85
C GLY A 182 -45.78 -17.51 -2.27
N ALA A 183 -46.43 -16.68 -3.06
CA ALA A 183 -47.79 -16.97 -3.51
C ALA A 183 -47.84 -17.73 -4.83
N THR A 184 -48.76 -18.68 -4.92
CA THR A 184 -48.92 -19.45 -6.14
C THR A 184 -50.00 -18.71 -6.92
N ILE A 185 -51.07 -18.36 -6.21
CA ILE A 185 -52.15 -17.58 -6.80
C ILE A 185 -51.84 -16.17 -6.34
N LYS A 186 -51.56 -15.29 -7.28
CA LYS A 186 -51.25 -13.91 -6.92
C LYS A 186 -52.45 -13.13 -6.44
N PRO A 187 -52.25 -12.28 -5.43
CA PRO A 187 -53.33 -11.46 -4.88
C PRO A 187 -53.95 -10.72 -6.06
N ALA A 188 -55.26 -10.90 -6.27
CA ALA A 188 -55.93 -10.26 -7.39
C ALA A 188 -56.34 -8.84 -7.03
N VAL A 189 -56.51 -8.60 -5.73
CA VAL A 189 -56.93 -7.30 -5.27
C VAL A 189 -56.24 -6.85 -4.00
N LEU A 190 -56.06 -5.55 -3.89
CA LEU A 190 -55.48 -4.90 -2.73
C LEU A 190 -56.48 -3.81 -2.38
N GLN A 191 -57.18 -3.97 -1.26
CA GLN A 191 -58.15 -2.98 -0.84
C GLN A 191 -57.53 -2.11 0.25
N VAL A 192 -57.38 -0.82 -0.02
CA VAL A 192 -56.78 0.08 0.95
C VAL A 192 -57.53 1.40 1.06
N GLU A 193 -57.31 2.09 2.16
CA GLU A 193 -57.93 3.39 2.38
C GLU A 193 -57.34 4.24 1.26
N HIS A 194 -58.19 4.94 0.54
CA HIS A 194 -57.69 5.75 -0.56
C HIS A 194 -58.54 7.00 -0.79
N HIS A 195 -57.92 8.17 -0.65
CA HIS A 195 -58.59 9.44 -0.82
C HIS A 195 -57.53 10.53 -0.96
N PRO A 196 -57.93 11.76 -1.32
CA PRO A 196 -56.95 12.83 -1.48
C PRO A 196 -55.99 13.14 -0.30
N TYR A 197 -56.35 12.75 0.93
CA TYR A 197 -55.45 13.02 2.06
C TYR A 197 -54.48 11.86 2.31
N LEU A 198 -54.72 10.73 1.65
CA LEU A 198 -53.86 9.56 1.78
C LEU A 198 -53.83 8.91 0.40
N GLN A 199 -53.03 9.49 -0.49
CA GLN A 199 -52.95 9.02 -1.87
C GLN A 199 -52.03 7.84 -2.16
N GLN A 200 -50.99 7.70 -1.35
CA GLN A 200 -50.02 6.60 -1.49
C GLN A 200 -49.81 6.22 -2.95
N PRO A 201 -49.51 7.22 -3.80
CA PRO A 201 -49.29 7.01 -5.23
C PRO A 201 -48.31 5.91 -5.61
N LYS A 202 -47.23 5.74 -4.83
CA LYS A 202 -46.25 4.72 -5.14
C LYS A 202 -46.79 3.31 -4.85
N LEU A 203 -47.66 3.20 -3.85
CA LEU A 203 -48.24 1.91 -3.52
C LEU A 203 -49.21 1.50 -4.63
N ILE A 204 -49.96 2.47 -5.13
CA ILE A 204 -50.95 2.23 -6.19
C ILE A 204 -50.25 1.82 -7.48
N GLU A 205 -49.20 2.57 -7.83
CA GLU A 205 -48.46 2.28 -9.05
C GLU A 205 -47.79 0.92 -8.98
N PHE A 206 -47.15 0.61 -7.86
CA PHE A 206 -46.50 -0.68 -7.74
C PHE A 206 -47.50 -1.81 -7.94
N ALA A 207 -48.60 -1.74 -7.20
CA ALA A 207 -49.63 -2.77 -7.28
C ALA A 207 -50.20 -2.90 -8.68
N GLN A 208 -50.62 -1.80 -9.27
CA GLN A 208 -51.19 -1.87 -10.61
C GLN A 208 -50.22 -2.48 -11.61
N LYS A 209 -48.94 -2.13 -11.51
CA LYS A 209 -47.96 -2.69 -12.43
C LYS A 209 -47.74 -4.18 -12.17
N ALA A 210 -47.95 -4.58 -10.93
CA ALA A 210 -47.79 -5.98 -10.57
C ALA A 210 -49.04 -6.75 -11.02
N GLY A 211 -49.99 -6.03 -11.61
CA GLY A 211 -51.22 -6.66 -12.06
C GLY A 211 -52.28 -6.79 -10.98
N VAL A 212 -52.03 -6.23 -9.80
CA VAL A 212 -52.98 -6.28 -8.69
C VAL A 212 -54.00 -5.13 -8.85
N THR A 213 -55.28 -5.43 -8.70
CA THR A 213 -56.30 -4.39 -8.84
C THR A 213 -56.54 -3.70 -7.50
N ILE A 214 -56.70 -2.39 -7.55
CA ILE A 214 -56.93 -1.60 -6.34
C ILE A 214 -58.40 -1.32 -6.10
N THR A 215 -58.84 -1.55 -4.86
CA THR A 215 -60.20 -1.26 -4.46
C THR A 215 -60.03 -0.24 -3.33
N ALA A 216 -60.59 0.94 -3.53
CA ALA A 216 -60.49 2.03 -2.56
C ALA A 216 -61.66 2.07 -1.61
N TYR A 217 -61.37 2.50 -0.38
CA TYR A 217 -62.41 2.66 0.63
C TYR A 217 -62.16 3.97 1.36
N SER A 218 -63.21 4.53 1.96
CA SER A 218 -63.12 5.82 2.64
C SER A 218 -62.79 6.88 1.59
N SER A 219 -63.38 6.72 0.40
CA SER A 219 -63.18 7.65 -0.71
C SER A 219 -63.50 9.11 -0.39
N PHE A 220 -64.24 9.35 0.68
CA PHE A 220 -64.59 10.71 1.08
C PHE A 220 -63.73 11.17 2.25
N GLY A 221 -62.62 10.47 2.46
CA GLY A 221 -61.73 10.83 3.54
C GLY A 221 -62.46 10.87 4.86
N PRO A 222 -62.38 11.99 5.60
CA PRO A 222 -63.07 12.10 6.89
C PRO A 222 -64.59 12.10 6.74
N GLN A 223 -65.09 12.45 5.56
CA GLN A 223 -66.53 12.48 5.32
C GLN A 223 -67.05 11.05 5.31
N SER A 224 -66.14 10.11 5.08
CA SER A 224 -66.49 8.71 5.07
C SER A 224 -66.75 8.31 6.52
N PHE A 225 -67.24 7.10 6.77
CA PHE A 225 -67.50 6.75 8.16
C PHE A 225 -66.21 6.39 8.86
N VAL A 226 -66.03 6.94 10.05
CA VAL A 226 -64.85 6.68 10.85
C VAL A 226 -65.30 6.23 12.23
N GLU A 227 -64.81 5.07 12.65
CA GLU A 227 -65.18 4.52 13.96
C GLU A 227 -64.07 4.66 15.00
N MET A 228 -62.85 4.28 14.62
CA MET A 228 -61.71 4.40 15.52
C MET A 228 -61.19 5.83 15.46
N ASN A 229 -60.87 6.39 16.63
CA ASN A 229 -60.39 7.77 16.70
C ASN A 229 -61.21 8.69 15.83
N GLN A 230 -62.48 8.82 16.18
CA GLN A 230 -63.41 9.66 15.45
C GLN A 230 -62.89 11.10 15.49
N GLY A 231 -62.23 11.44 16.60
CA GLY A 231 -61.70 12.78 16.76
C GLY A 231 -60.81 13.24 15.62
N ARG A 232 -59.91 12.35 15.20
CA ARG A 232 -58.99 12.68 14.11
C ARG A 232 -59.76 13.12 12.87
N ALA A 233 -60.83 12.42 12.54
CA ALA A 233 -61.62 12.75 11.35
C ALA A 233 -62.42 14.04 11.52
N LEU A 234 -63.03 14.20 12.70
CA LEU A 234 -63.84 15.39 12.98
C LEU A 234 -63.02 16.66 12.92
N ASN A 235 -61.78 16.61 13.40
CA ASN A 235 -60.91 17.78 13.40
C ASN A 235 -60.18 18.00 12.08
N THR A 236 -60.62 17.31 11.02
CA THR A 236 -59.99 17.45 9.71
C THR A 236 -60.88 18.21 8.74
N PRO A 237 -60.34 19.24 8.08
CA PRO A 237 -61.11 20.03 7.11
C PRO A 237 -61.71 19.06 6.09
N THR A 238 -63.02 19.09 5.95
CA THR A 238 -63.68 18.18 5.03
C THR A 238 -63.23 18.34 3.58
N LEU A 239 -63.31 17.24 2.84
CA LEU A 239 -62.95 17.25 1.44
C LEU A 239 -64.10 17.86 0.66
N PHE A 240 -65.32 17.69 1.18
CA PHE A 240 -66.50 18.24 0.53
C PHE A 240 -66.47 19.76 0.48
N ALA A 241 -65.76 20.36 1.44
CA ALA A 241 -65.67 21.82 1.52
C ALA A 241 -64.29 22.35 1.11
N HIS A 242 -63.37 21.45 0.79
CA HIS A 242 -62.03 21.86 0.39
C HIS A 242 -62.11 22.67 -0.91
N ASP A 243 -61.36 23.76 -0.96
CA ASP A 243 -61.38 24.65 -2.12
C ASP A 243 -61.01 23.97 -3.45
N THR A 244 -60.05 23.06 -3.40
CA THR A 244 -59.65 22.37 -4.62
C THR A 244 -60.82 21.54 -5.15
N ILE A 245 -61.43 20.78 -4.26
CA ILE A 245 -62.57 19.93 -4.62
C ILE A 245 -63.78 20.77 -4.98
N LYS A 246 -64.02 21.82 -4.19
CA LYS A 246 -65.14 22.71 -4.43
C LYS A 246 -65.05 23.31 -5.83
N ALA A 247 -63.87 23.84 -6.17
CA ALA A 247 -63.63 24.45 -7.47
C ALA A 247 -63.81 23.47 -8.63
N ILE A 248 -63.26 22.26 -8.48
CA ILE A 248 -63.38 21.28 -9.54
C ILE A 248 -64.84 20.85 -9.70
N ALA A 249 -65.53 20.70 -8.57
CA ALA A 249 -66.93 20.31 -8.59
C ALA A 249 -67.79 21.37 -9.29
N ALA A 250 -67.60 22.63 -8.91
CA ALA A 250 -68.35 23.73 -9.51
C ALA A 250 -68.09 23.85 -11.00
N LYS A 251 -66.84 23.63 -11.37
CA LYS A 251 -66.39 23.70 -12.76
C LYS A 251 -67.18 22.77 -13.68
N TYR A 252 -67.45 21.56 -13.20
CA TYR A 252 -68.18 20.56 -13.98
C TYR A 252 -69.65 20.42 -13.58
N ASN A 253 -70.06 21.21 -12.60
CA ASN A 253 -71.42 21.14 -12.09
C ASN A 253 -71.70 19.73 -11.58
N LYS A 254 -70.82 19.25 -10.71
CA LYS A 254 -70.92 17.94 -10.09
C LYS A 254 -70.81 18.16 -8.59
N THR A 255 -71.17 17.15 -7.81
CA THR A 255 -71.08 17.27 -6.37
C THR A 255 -69.66 16.89 -5.97
N PRO A 256 -69.21 17.33 -4.79
CA PRO A 256 -67.87 16.99 -4.34
C PRO A 256 -67.68 15.46 -4.27
N ALA A 257 -68.76 14.76 -3.95
CA ALA A 257 -68.72 13.31 -3.87
C ALA A 257 -68.40 12.71 -5.23
N GLU A 258 -69.04 13.21 -6.29
CA GLU A 258 -68.82 12.69 -7.63
C GLU A 258 -67.36 12.91 -8.08
N VAL A 259 -66.79 14.03 -7.66
CA VAL A 259 -65.41 14.35 -8.01
C VAL A 259 -64.43 13.44 -7.28
N LEU A 260 -64.75 13.09 -6.03
CA LEU A 260 -63.88 12.23 -5.25
C LEU A 260 -63.89 10.79 -5.76
N LEU A 261 -65.05 10.34 -6.20
CA LEU A 261 -65.19 8.99 -6.72
C LEU A 261 -64.58 8.86 -8.11
N ARG A 262 -64.76 9.89 -8.93
CA ARG A 262 -64.22 9.86 -10.29
C ARG A 262 -62.70 10.00 -10.26
N TRP A 263 -62.19 10.69 -9.26
CA TRP A 263 -60.75 10.88 -9.12
C TRP A 263 -60.06 9.52 -9.03
N ALA A 264 -60.75 8.56 -8.43
CA ALA A 264 -60.21 7.21 -8.29
C ALA A 264 -60.56 6.38 -9.51
N ALA A 265 -61.82 6.40 -9.90
CA ALA A 265 -62.29 5.61 -11.04
C ALA A 265 -61.46 5.83 -12.30
N GLN A 266 -61.24 7.08 -12.67
CA GLN A 266 -60.49 7.40 -13.86
C GLN A 266 -59.07 6.84 -13.81
N ARG A 267 -58.62 6.47 -12.62
CA ARG A 267 -57.27 5.92 -12.48
C ARG A 267 -57.27 4.41 -12.36
N GLY A 268 -58.35 3.78 -12.80
CA GLY A 268 -58.46 2.33 -12.76
C GLY A 268 -58.69 1.74 -11.38
N ILE A 269 -59.03 2.58 -10.42
CA ILE A 269 -59.26 2.11 -9.06
C ILE A 269 -60.76 1.87 -8.83
N ALA A 270 -61.09 0.72 -8.26
CA ALA A 270 -62.49 0.40 -7.99
C ALA A 270 -62.96 1.13 -6.75
N VAL A 271 -64.25 1.45 -6.73
CA VAL A 271 -64.83 2.14 -5.58
C VAL A 271 -66.04 1.40 -5.04
N ILE A 272 -66.33 1.62 -3.77
CA ILE A 272 -67.42 0.94 -3.12
C ILE A 272 -68.14 1.86 -2.14
N PRO A 273 -68.72 2.98 -2.64
CA PRO A 273 -69.43 3.92 -1.77
C PRO A 273 -70.67 3.30 -1.11
N ARG A 274 -71.05 3.87 0.02
CA ARG A 274 -72.19 3.39 0.79
C ARG A 274 -73.08 4.57 1.17
N SER A 275 -74.36 4.47 0.84
CA SER A 275 -75.28 5.54 1.20
C SER A 275 -76.64 5.00 1.61
N ASN A 276 -77.25 5.63 2.61
CA ASN A 276 -78.56 5.22 3.10
C ASN A 276 -79.63 6.02 2.36
N LEU A 277 -79.20 7.02 1.60
CA LEU A 277 -80.13 7.86 0.85
C LEU A 277 -80.25 7.39 -0.60
N PRO A 278 -81.46 7.02 -1.03
CA PRO A 278 -81.64 6.56 -2.41
C PRO A 278 -81.09 7.49 -3.48
N GLU A 279 -81.16 8.79 -3.25
CA GLU A 279 -80.65 9.73 -4.24
C GLU A 279 -79.14 9.60 -4.38
N ARG A 280 -78.45 9.51 -3.25
CA ARG A 280 -77.00 9.37 -3.29
C ARG A 280 -76.62 8.02 -3.88
N LEU A 281 -77.41 7.00 -3.57
CA LEU A 281 -77.19 5.65 -4.07
C LEU A 281 -77.05 5.65 -5.59
N VAL A 282 -77.96 6.38 -6.26
CA VAL A 282 -77.93 6.47 -7.71
C VAL A 282 -76.74 7.29 -8.19
N GLN A 283 -76.49 8.41 -7.51
CA GLN A 283 -75.38 9.27 -7.88
C GLN A 283 -74.04 8.56 -7.71
N ASN A 284 -73.91 7.75 -6.68
CA ASN A 284 -72.67 7.05 -6.42
C ASN A 284 -72.29 6.03 -7.49
N ARG A 285 -73.19 5.78 -8.44
CA ARG A 285 -72.90 4.82 -9.50
C ARG A 285 -73.06 5.45 -10.88
N SER A 286 -73.36 6.75 -10.90
CA SER A 286 -73.59 7.46 -12.17
C SER A 286 -72.60 8.59 -12.41
N PHE A 287 -71.53 8.62 -11.62
CA PHE A 287 -70.54 9.69 -11.73
C PHE A 287 -69.58 9.63 -12.92
N ASN A 288 -69.50 8.50 -13.62
CA ASN A 288 -68.59 8.40 -14.75
C ASN A 288 -69.17 9.06 -16.01
N THR A 289 -69.44 10.36 -15.91
CA THR A 289 -70.01 11.10 -17.04
C THR A 289 -69.10 12.26 -17.46
N PHE A 290 -67.91 12.31 -16.89
CA PHE A 290 -66.93 13.35 -17.20
C PHE A 290 -65.54 12.85 -16.87
N ASP A 291 -64.52 13.55 -17.38
CA ASP A 291 -63.13 13.19 -17.11
C ASP A 291 -62.40 14.35 -16.48
N LEU A 292 -61.63 14.08 -15.44
CA LEU A 292 -60.84 15.14 -14.79
C LEU A 292 -59.67 15.39 -15.72
N THR A 293 -59.17 16.63 -15.76
CA THR A 293 -58.05 16.96 -16.63
C THR A 293 -56.71 16.75 -15.94
N LYS A 294 -55.64 16.93 -16.70
CA LYS A 294 -54.29 16.78 -16.17
C LYS A 294 -54.11 17.78 -15.02
N GLU A 295 -54.55 19.01 -15.26
CA GLU A 295 -54.46 20.05 -14.25
C GLU A 295 -55.25 19.67 -12.99
N ASP A 296 -56.48 19.19 -13.17
CA ASP A 296 -57.30 18.78 -12.02
C ASP A 296 -56.55 17.80 -11.15
N PHE A 297 -55.96 16.78 -11.78
CA PHE A 297 -55.21 15.77 -11.06
C PHE A 297 -54.01 16.37 -10.34
N GLU A 298 -53.38 17.36 -10.95
CA GLU A 298 -52.22 18.01 -10.35
C GLU A 298 -52.65 18.79 -9.11
N GLU A 299 -53.78 19.48 -9.22
CA GLU A 299 -54.26 20.26 -8.09
C GLU A 299 -54.66 19.36 -6.93
N ILE A 300 -55.35 18.27 -7.23
CA ILE A 300 -55.77 17.35 -6.19
C ILE A 300 -54.56 16.66 -5.54
N ALA A 301 -53.53 16.40 -6.34
CA ALA A 301 -52.34 15.73 -5.83
C ALA A 301 -51.66 16.50 -4.69
N LYS A 302 -51.87 17.81 -4.65
CA LYS A 302 -51.28 18.66 -3.61
C LYS A 302 -51.92 18.43 -2.24
N LEU A 303 -53.04 17.70 -2.20
CA LEU A 303 -53.72 17.45 -0.94
C LEU A 303 -53.14 16.29 -0.14
N ASP A 304 -52.41 15.41 -0.81
CA ASP A 304 -51.82 14.25 -0.16
C ASP A 304 -50.95 14.65 1.04
N ILE A 305 -51.35 14.24 2.23
CA ILE A 305 -50.62 14.56 3.45
C ILE A 305 -50.44 13.31 4.31
N GLY A 306 -50.71 12.15 3.74
CA GLY A 306 -50.55 10.91 4.47
C GLY A 306 -51.44 10.79 5.70
N LEU A 307 -52.63 11.37 5.65
CA LEU A 307 -53.55 11.30 6.78
C LEU A 307 -54.38 10.01 6.66
N ARG A 308 -54.18 9.12 7.62
CA ARG A 308 -54.84 7.81 7.64
C ARG A 308 -55.87 7.72 8.77
N PHE A 309 -57.09 7.31 8.45
CA PHE A 309 -58.13 7.20 9.47
C PHE A 309 -58.35 5.79 10.00
N ASN A 310 -57.97 4.78 9.23
CA ASN A 310 -58.12 3.39 9.65
C ASN A 310 -56.71 2.86 9.95
N ASP A 311 -56.27 3.06 11.19
CA ASP A 311 -54.93 2.66 11.56
C ASP A 311 -54.86 1.79 12.82
N PRO A 312 -54.36 0.54 12.67
CA PRO A 312 -54.22 -0.42 13.78
C PRO A 312 -53.33 0.13 14.89
N TRP A 313 -52.58 1.19 14.59
CA TRP A 313 -51.72 1.76 15.61
C TRP A 313 -52.60 2.29 16.72
N ASP A 314 -53.83 2.64 16.36
CA ASP A 314 -54.82 3.15 17.31
C ASP A 314 -55.39 2.03 18.17
N TRP A 315 -55.43 0.80 17.62
CA TRP A 315 -55.98 -0.34 18.35
C TRP A 315 -55.11 -0.74 19.52
N ASP A 316 -53.88 -1.15 19.21
CA ASP A 316 -52.93 -1.62 20.21
C ASP A 316 -51.48 -1.36 19.77
N ASN A 317 -51.28 -0.22 19.10
CA ASN A 317 -49.97 0.16 18.60
C ASN A 317 -49.40 -0.92 17.68
N ILE A 318 -50.25 -1.46 16.82
CA ILE A 318 -49.85 -2.48 15.86
C ILE A 318 -49.15 -1.71 14.73
N PRO A 319 -47.87 -2.01 14.47
CA PRO A 319 -46.99 -1.40 13.47
C PRO A 319 -47.24 -1.67 11.99
N ILE A 320 -48.49 -1.86 11.59
CA ILE A 320 -48.75 -2.16 10.18
C ILE A 320 -48.31 -1.05 9.22
N PHE A 321 -48.55 0.19 9.61
CA PHE A 321 -48.20 1.32 8.77
C PHE A 321 -47.04 2.17 9.25
N VAL A 322 -46.03 1.53 9.81
CA VAL A 322 -44.86 2.24 10.27
C VAL A 322 -43.63 1.45 9.82
N SER B 4 -15.72 2.82 28.32
CA SER B 4 -16.41 4.11 28.08
C SER B 4 -17.57 3.96 27.09
N ILE B 5 -17.38 3.16 26.04
CA ILE B 5 -18.44 2.95 25.06
C ILE B 5 -19.41 1.90 25.61
N PRO B 6 -20.63 2.33 25.96
CA PRO B 6 -21.64 1.43 26.51
C PRO B 6 -21.97 0.25 25.61
N ASP B 7 -22.22 -0.90 26.22
CA ASP B 7 -22.59 -2.10 25.48
C ASP B 7 -24.10 -2.26 25.59
N ILE B 8 -24.68 -2.97 24.62
CA ILE B 8 -26.10 -3.24 24.61
C ILE B 8 -26.25 -4.75 24.58
N LYS B 9 -26.98 -5.30 25.55
CA LYS B 9 -27.19 -6.74 25.57
C LYS B 9 -28.30 -7.03 24.57
N LEU B 10 -27.97 -7.75 23.50
CA LEU B 10 -28.95 -8.10 22.47
C LEU B 10 -29.85 -9.22 22.99
N SER B 11 -30.95 -9.44 22.28
CA SER B 11 -31.90 -10.48 22.64
C SER B 11 -31.25 -11.87 22.59
N SER B 12 -30.16 -11.98 21.83
CA SER B 12 -29.46 -13.24 21.70
C SER B 12 -28.58 -13.53 22.92
N GLY B 13 -28.43 -12.54 23.80
CA GLY B 13 -27.62 -12.74 24.99
C GLY B 13 -26.21 -12.17 24.86
N HIS B 14 -25.83 -11.82 23.62
CA HIS B 14 -24.50 -11.27 23.37
C HIS B 14 -24.49 -9.74 23.46
N LEU B 15 -23.37 -9.18 23.88
CA LEU B 15 -23.23 -7.75 24.01
C LEU B 15 -22.78 -7.15 22.67
N MET B 16 -23.23 -5.94 22.40
CA MET B 16 -22.88 -5.23 21.18
C MET B 16 -22.58 -3.77 21.51
N PRO B 17 -21.38 -3.28 21.11
CA PRO B 17 -21.02 -1.89 21.38
C PRO B 17 -22.07 -0.95 20.80
N SER B 18 -22.45 0.06 21.59
CA SER B 18 -23.46 1.04 21.19
C SER B 18 -22.92 2.04 20.18
N ILE B 19 -21.60 2.05 20.02
CA ILE B 19 -20.95 2.95 19.10
C ILE B 19 -20.01 2.12 18.23
N GLY B 20 -20.15 2.26 16.91
CA GLY B 20 -19.33 1.49 15.99
C GLY B 20 -18.67 2.29 14.88
N PHE B 21 -18.00 1.57 13.99
CA PHE B 21 -17.30 2.16 12.85
C PHE B 21 -17.98 1.71 11.55
N GLY B 22 -18.53 2.66 10.80
CA GLY B 22 -19.18 2.32 9.55
C GLY B 22 -18.20 2.03 8.43
N CYS B 23 -18.44 0.99 7.65
CA CYS B 23 -17.53 0.64 6.57
C CYS B 23 -18.07 0.87 5.17
N TRP B 24 -19.19 1.56 5.05
CA TRP B 24 -19.74 1.82 3.71
C TRP B 24 -18.91 2.93 3.06
N LYS B 25 -18.51 2.71 1.83
CA LYS B 25 -17.72 3.67 1.08
C LYS B 25 -16.37 3.89 1.75
N LEU B 26 -15.81 2.81 2.26
CA LEU B 26 -14.49 2.82 2.89
C LEU B 26 -13.59 2.23 1.81
N ALA B 27 -12.83 3.09 1.12
CA ALA B 27 -11.93 2.67 0.06
C ALA B 27 -11.12 1.42 0.38
N ASN B 28 -11.01 0.53 -0.60
CA ASN B 28 -10.28 -0.71 -0.44
C ASN B 28 -8.80 -0.53 -0.15
N ALA B 29 -8.19 0.42 -0.85
CA ALA B 29 -6.77 0.69 -0.71
C ALA B 29 -6.29 1.01 0.70
N THR B 30 -7.12 1.73 1.46
CA THR B 30 -6.74 2.13 2.82
C THR B 30 -7.67 1.61 3.91
N ALA B 31 -8.61 0.75 3.53
CA ALA B 31 -9.57 0.24 4.50
C ALA B 31 -8.90 -0.45 5.68
N GLY B 32 -7.90 -1.28 5.40
CA GLY B 32 -7.21 -1.99 6.46
C GLY B 32 -6.57 -1.05 7.46
N GLU B 33 -5.81 -0.08 6.96
CA GLU B 33 -5.14 0.89 7.82
C GLU B 33 -6.18 1.65 8.65
N GLN B 34 -7.26 2.10 8.02
CA GLN B 34 -8.28 2.83 8.74
C GLN B 34 -8.93 2.00 9.83
N VAL B 35 -9.22 0.74 9.53
CA VAL B 35 -9.83 -0.15 10.52
C VAL B 35 -8.86 -0.37 11.67
N TYR B 36 -7.59 -0.52 11.32
CA TYR B 36 -6.55 -0.71 12.31
C TYR B 36 -6.53 0.50 13.23
N GLN B 37 -6.50 1.69 12.63
CA GLN B 37 -6.49 2.94 13.40
C GLN B 37 -7.72 3.06 14.29
N ALA B 38 -8.89 2.70 13.76
CA ALA B 38 -10.12 2.78 14.53
C ALA B 38 -9.99 1.90 15.78
N ILE B 39 -9.38 0.73 15.61
CA ILE B 39 -9.20 -0.17 16.73
C ILE B 39 -8.27 0.45 17.77
N LYS B 40 -7.21 1.12 17.32
CA LYS B 40 -6.29 1.76 18.25
C LYS B 40 -7.00 2.89 18.99
N ALA B 41 -7.97 3.50 18.32
CA ALA B 41 -8.73 4.60 18.90
C ALA B 41 -9.85 4.11 19.83
N GLY B 42 -9.99 2.80 19.96
CA GLY B 42 -11.03 2.28 20.84
C GLY B 42 -12.23 1.59 20.20
N TYR B 43 -12.44 1.76 18.90
CA TYR B 43 -13.59 1.09 18.27
C TYR B 43 -13.45 -0.42 18.30
N ARG B 44 -14.56 -1.10 18.53
CA ARG B 44 -14.57 -2.56 18.60
C ARG B 44 -15.60 -3.19 17.68
N LEU B 45 -16.60 -2.42 17.27
CA LEU B 45 -17.62 -2.92 16.37
C LEU B 45 -17.42 -2.31 15.00
N PHE B 46 -17.48 -3.16 13.98
CA PHE B 46 -17.32 -2.68 12.63
C PHE B 46 -18.51 -3.13 11.83
N ASP B 47 -19.24 -2.16 11.28
CA ASP B 47 -20.42 -2.47 10.51
C ASP B 47 -20.07 -2.61 9.05
N GLY B 48 -20.01 -3.85 8.57
CA GLY B 48 -19.66 -4.07 7.18
C GLY B 48 -20.77 -4.72 6.39
N ALA B 49 -20.45 -5.11 5.15
CA ALA B 49 -21.44 -5.74 4.28
C ALA B 49 -20.77 -6.28 3.02
N GLU B 50 -21.27 -7.42 2.55
CA GLU B 50 -20.74 -8.01 1.34
C GLU B 50 -20.83 -6.98 0.21
N ASP B 51 -21.94 -6.24 0.13
CA ASP B 51 -22.09 -5.26 -0.93
C ASP B 51 -21.04 -4.14 -0.94
N TYR B 52 -20.46 -3.85 0.22
CA TYR B 52 -19.45 -2.80 0.30
C TYR B 52 -18.15 -3.19 -0.43
N GLY B 53 -18.01 -4.47 -0.72
CA GLY B 53 -16.84 -4.96 -1.44
C GLY B 53 -15.49 -4.72 -0.80
N ASN B 54 -15.44 -4.55 0.52
CA ASN B 54 -14.17 -4.29 1.19
C ASN B 54 -13.98 -5.14 2.44
N GLU B 55 -14.71 -6.25 2.52
CA GLU B 55 -14.59 -7.11 3.69
C GLU B 55 -13.22 -7.77 3.84
N LYS B 56 -12.52 -7.98 2.73
CA LYS B 56 -11.20 -8.58 2.81
C LYS B 56 -10.26 -7.60 3.49
N GLU B 57 -10.34 -6.33 3.09
CA GLU B 57 -9.49 -5.29 3.67
C GLU B 57 -9.86 -5.09 5.14
N VAL B 58 -11.16 -4.98 5.43
CA VAL B 58 -11.62 -4.83 6.80
C VAL B 58 -10.96 -5.96 7.58
N GLY B 59 -11.02 -7.16 7.02
CA GLY B 59 -10.42 -8.32 7.65
C GLY B 59 -8.95 -8.11 7.91
N ASP B 60 -8.24 -7.51 6.95
CA ASP B 60 -6.81 -7.26 7.11
C ASP B 60 -6.53 -6.38 8.32
N GLY B 61 -7.34 -5.34 8.48
CA GLY B 61 -7.17 -4.43 9.60
C GLY B 61 -7.38 -5.10 10.94
N VAL B 62 -8.40 -5.93 11.04
CA VAL B 62 -8.68 -6.63 12.29
C VAL B 62 -7.54 -7.60 12.60
N LYS B 63 -7.12 -8.36 11.59
CA LYS B 63 -6.04 -9.32 11.77
C LYS B 63 -4.76 -8.65 12.23
N ARG B 64 -4.48 -7.48 11.69
CA ARG B 64 -3.28 -6.75 12.04
C ARG B 64 -3.31 -6.37 13.52
N ALA B 65 -4.45 -5.86 13.97
CA ALA B 65 -4.61 -5.44 15.36
C ALA B 65 -4.48 -6.67 16.26
N ILE B 66 -4.99 -7.80 15.80
CA ILE B 66 -4.91 -9.03 16.58
C ILE B 66 -3.47 -9.53 16.66
N ASP B 67 -2.79 -9.59 15.52
CA ASP B 67 -1.41 -10.05 15.47
C ASP B 67 -0.46 -9.19 16.34
N GLU B 68 -0.82 -7.94 16.56
CA GLU B 68 0.01 -7.05 17.38
C GLU B 68 -0.33 -7.22 18.85
N GLY B 69 -1.40 -7.95 19.13
CA GLY B 69 -1.81 -8.17 20.51
C GLY B 69 -2.62 -7.03 21.07
N LEU B 70 -3.14 -6.18 20.19
CA LEU B 70 -3.95 -5.04 20.63
C LEU B 70 -5.32 -5.50 21.10
N VAL B 71 -5.84 -6.53 20.45
CA VAL B 71 -7.15 -7.09 20.78
C VAL B 71 -7.18 -8.57 20.44
N LYS B 72 -8.18 -9.27 20.96
CA LYS B 72 -8.37 -10.68 20.67
C LYS B 72 -9.67 -10.78 19.88
N ARG B 73 -9.80 -11.80 19.04
CA ARG B 73 -10.99 -11.97 18.24
C ARG B 73 -12.30 -11.71 18.98
N GLU B 74 -12.40 -12.22 20.20
CA GLU B 74 -13.62 -12.06 20.99
C GLU B 74 -13.94 -10.63 21.42
N GLU B 75 -12.97 -9.73 21.34
CA GLU B 75 -13.20 -8.35 21.73
C GLU B 75 -13.73 -7.52 20.57
N ILE B 76 -13.58 -8.05 19.36
CA ILE B 76 -14.04 -7.36 18.17
C ILE B 76 -15.44 -7.84 17.83
N PHE B 77 -16.31 -6.91 17.46
CA PHE B 77 -17.68 -7.25 17.09
C PHE B 77 -17.83 -6.96 15.59
N LEU B 78 -17.96 -8.01 14.80
CA LEU B 78 -18.07 -7.88 13.36
C LEU B 78 -19.48 -8.07 12.80
N THR B 79 -20.03 -7.02 12.21
CA THR B 79 -21.34 -7.07 11.62
C THR B 79 -21.23 -7.13 10.09
N SER B 80 -21.94 -8.07 9.47
CA SER B 80 -21.94 -8.16 8.02
C SER B 80 -23.39 -8.28 7.56
N LYS B 81 -23.62 -8.20 6.25
CA LYS B 81 -24.97 -8.25 5.74
C LYS B 81 -25.10 -9.09 4.47
N LEU B 82 -26.09 -9.98 4.47
CA LEU B 82 -26.38 -10.84 3.34
C LEU B 82 -26.94 -9.97 2.21
N TRP B 83 -26.22 -9.87 1.10
CA TRP B 83 -26.71 -9.04 -0.02
C TRP B 83 -27.95 -9.64 -0.70
N ASN B 84 -28.63 -8.83 -1.50
CA ASN B 84 -29.87 -9.24 -2.18
C ASN B 84 -29.88 -10.45 -3.11
N ASN B 85 -28.75 -10.78 -3.73
CA ASN B 85 -28.73 -11.92 -4.65
C ASN B 85 -28.65 -13.25 -3.93
N TYR B 86 -28.42 -13.21 -2.63
CA TYR B 86 -28.26 -14.43 -1.87
C TYR B 86 -29.37 -14.82 -0.90
N HIS B 87 -30.62 -14.50 -1.21
CA HIS B 87 -31.70 -14.82 -0.29
C HIS B 87 -32.17 -16.26 -0.38
N ASP B 88 -31.92 -16.91 -1.51
CA ASP B 88 -32.32 -18.30 -1.69
C ASP B 88 -31.58 -19.13 -0.64
N PRO B 89 -32.31 -19.93 0.15
CA PRO B 89 -31.65 -20.75 1.18
C PRO B 89 -30.41 -21.51 0.74
N LYS B 90 -30.41 -22.03 -0.49
CA LYS B 90 -29.26 -22.79 -0.97
C LYS B 90 -28.02 -21.93 -1.21
N ASN B 91 -28.19 -20.62 -1.24
CA ASN B 91 -27.05 -19.72 -1.46
C ASN B 91 -26.65 -18.90 -0.23
N VAL B 92 -27.46 -18.94 0.82
CA VAL B 92 -27.16 -18.17 2.03
C VAL B 92 -25.79 -18.50 2.63
N GLU B 93 -25.58 -19.77 3.00
CA GLU B 93 -24.30 -20.17 3.58
C GLU B 93 -23.14 -19.89 2.61
N THR B 94 -23.40 -20.00 1.31
CA THR B 94 -22.37 -19.75 0.30
C THR B 94 -21.88 -18.32 0.46
N ALA B 95 -22.82 -17.40 0.54
CA ALA B 95 -22.49 -15.99 0.69
C ALA B 95 -21.79 -15.72 2.03
N LEU B 96 -22.27 -16.35 3.10
CA LEU B 96 -21.67 -16.17 4.42
C LEU B 96 -20.23 -16.70 4.43
N ASN B 97 -19.99 -17.83 3.75
CA ASN B 97 -18.65 -18.38 3.70
C ASN B 97 -17.73 -17.38 2.99
N LYS B 98 -18.26 -16.69 2.00
CA LYS B 98 -17.45 -15.69 1.29
C LYS B 98 -17.06 -14.61 2.31
N THR B 99 -18.04 -14.18 3.11
CA THR B 99 -17.79 -13.17 4.14
C THR B 99 -16.78 -13.66 5.17
N LEU B 100 -16.95 -14.88 5.65
CA LEU B 100 -16.03 -15.43 6.63
C LEU B 100 -14.61 -15.56 6.07
N ALA B 101 -14.52 -15.92 4.79
CA ALA B 101 -13.23 -16.08 4.12
C ALA B 101 -12.52 -14.73 3.94
N ASP B 102 -13.28 -13.69 3.59
CA ASP B 102 -12.69 -12.37 3.40
C ASP B 102 -12.31 -11.73 4.73
N LEU B 103 -13.16 -11.89 5.74
CA LEU B 103 -12.90 -11.34 7.05
C LEU B 103 -11.82 -12.14 7.77
N LYS B 104 -11.62 -13.39 7.33
CA LYS B 104 -10.62 -14.26 7.93
C LYS B 104 -10.97 -14.59 9.37
N VAL B 105 -12.22 -15.00 9.59
CA VAL B 105 -12.71 -15.38 10.91
C VAL B 105 -13.55 -16.64 10.81
N ASP B 106 -13.85 -17.24 11.95
CA ASP B 106 -14.66 -18.46 11.99
C ASP B 106 -16.15 -18.15 12.07
N TYR B 107 -16.48 -16.95 12.53
CA TYR B 107 -17.89 -16.55 12.65
C TYR B 107 -18.00 -15.02 12.57
N VAL B 108 -19.21 -14.53 12.38
CA VAL B 108 -19.43 -13.09 12.38
C VAL B 108 -20.34 -12.91 13.59
N ASP B 109 -20.22 -11.78 14.28
CA ASP B 109 -21.03 -11.52 15.45
C ASP B 109 -22.48 -11.19 15.11
N LEU B 110 -22.66 -10.46 14.01
CA LEU B 110 -24.00 -10.11 13.57
C LEU B 110 -24.09 -10.22 12.06
N PHE B 111 -25.11 -10.91 11.57
CA PHE B 111 -25.31 -11.05 10.14
C PHE B 111 -26.75 -10.63 9.89
N LEU B 112 -26.93 -9.55 9.14
CA LEU B 112 -28.26 -9.02 8.87
C LEU B 112 -28.72 -9.25 7.45
N ILE B 113 -30.04 -9.32 7.27
CA ILE B 113 -30.58 -9.44 5.92
C ILE B 113 -30.47 -7.97 5.51
N HIS B 114 -29.59 -7.68 4.57
CA HIS B 114 -29.37 -6.30 4.13
C HIS B 114 -30.64 -5.59 3.69
N PHE B 115 -31.44 -6.24 2.85
CA PHE B 115 -32.68 -5.65 2.35
C PHE B 115 -33.74 -6.73 2.15
N PRO B 116 -35.02 -6.38 2.35
CA PRO B 116 -36.12 -7.33 2.16
C PRO B 116 -36.39 -7.36 0.65
N ILE B 117 -35.31 -7.59 -0.10
CA ILE B 117 -35.34 -7.64 -1.56
C ILE B 117 -34.51 -8.84 -1.99
N ALA B 118 -35.01 -9.59 -2.97
CA ALA B 118 -34.29 -10.76 -3.45
C ALA B 118 -33.97 -10.69 -4.93
N PHE B 119 -32.73 -10.33 -5.25
CA PHE B 119 -32.28 -10.25 -6.64
C PHE B 119 -32.00 -11.68 -7.07
N LYS B 120 -32.11 -11.93 -8.38
CA LYS B 120 -31.83 -13.26 -8.90
C LYS B 120 -30.37 -13.59 -8.59
N PHE B 121 -30.12 -14.83 -8.19
CA PHE B 121 -28.77 -15.28 -7.86
C PHE B 121 -27.75 -15.11 -8.98
N VAL B 122 -26.56 -14.66 -8.59
CA VAL B 122 -25.45 -14.48 -9.50
C VAL B 122 -24.29 -15.20 -8.85
N PRO B 123 -23.72 -16.21 -9.51
CA PRO B 123 -22.59 -16.95 -8.93
C PRO B 123 -21.50 -15.98 -8.48
N ILE B 124 -20.89 -16.27 -7.33
CA ILE B 124 -19.83 -15.43 -6.80
C ILE B 124 -18.66 -15.30 -7.76
N GLU B 125 -18.37 -16.36 -8.51
CA GLU B 125 -17.28 -16.35 -9.47
C GLU B 125 -17.54 -15.51 -10.72
N GLU B 126 -18.80 -15.14 -10.96
CA GLU B 126 -19.11 -14.34 -12.14
C GLU B 126 -19.02 -12.85 -11.85
N LYS B 127 -19.37 -12.45 -10.64
CA LYS B 127 -19.28 -11.06 -10.22
C LYS B 127 -19.46 -10.90 -8.73
N TYR B 128 -18.48 -10.29 -8.07
CA TYR B 128 -18.57 -10.09 -6.63
C TYR B 128 -17.83 -8.86 -6.14
N PRO B 129 -18.53 -7.96 -5.44
CA PRO B 129 -19.96 -8.10 -5.12
C PRO B 129 -20.79 -7.76 -6.37
N PRO B 130 -22.00 -8.32 -6.47
CA PRO B 130 -22.87 -8.08 -7.63
C PRO B 130 -23.55 -6.72 -7.73
N GLY B 131 -23.73 -6.05 -6.60
CA GLY B 131 -24.39 -4.76 -6.63
C GLY B 131 -25.78 -4.96 -7.22
N PHE B 132 -26.16 -4.13 -8.19
CA PHE B 132 -27.47 -4.26 -8.83
C PHE B 132 -27.48 -5.25 -9.98
N TYR B 133 -26.34 -5.87 -10.25
CA TYR B 133 -26.28 -6.84 -11.33
C TYR B 133 -27.15 -8.04 -10.97
N CYS B 134 -28.03 -8.43 -11.88
CA CYS B 134 -28.92 -9.57 -11.63
C CYS B 134 -28.80 -10.65 -12.69
N GLY B 135 -27.67 -10.65 -13.41
CA GLY B 135 -27.44 -11.67 -14.42
C GLY B 135 -27.96 -11.43 -15.82
N ASP B 136 -28.55 -10.26 -16.07
CA ASP B 136 -29.06 -9.96 -17.41
C ASP B 136 -28.83 -8.50 -17.77
N GLY B 137 -27.59 -8.17 -18.11
CA GLY B 137 -27.26 -6.81 -18.46
C GLY B 137 -27.55 -5.85 -17.32
N ASN B 138 -28.16 -4.72 -17.64
CA ASN B 138 -28.50 -3.71 -16.64
C ASN B 138 -29.90 -3.92 -16.07
N ASN B 139 -30.54 -5.01 -16.46
CA ASN B 139 -31.89 -5.30 -15.99
C ASN B 139 -31.95 -5.84 -14.59
N PHE B 140 -33.00 -5.47 -13.87
CA PHE B 140 -33.20 -5.98 -12.53
C PHE B 140 -34.01 -7.27 -12.68
N VAL B 141 -33.59 -8.31 -11.99
CA VAL B 141 -34.30 -9.57 -12.03
C VAL B 141 -34.42 -10.07 -10.60
N TYR B 142 -35.61 -10.52 -10.23
CA TYR B 142 -35.89 -10.98 -8.88
C TYR B 142 -36.21 -12.47 -8.81
N GLU B 143 -36.11 -13.04 -7.62
CA GLU B 143 -36.44 -14.45 -7.46
C GLU B 143 -37.43 -14.60 -6.32
N ASP B 144 -38.39 -15.51 -6.50
CA ASP B 144 -39.44 -15.71 -5.52
C ASP B 144 -38.99 -16.41 -4.25
N VAL B 145 -38.40 -15.64 -3.34
CA VAL B 145 -37.90 -16.20 -2.09
C VAL B 145 -38.42 -15.41 -0.88
N PRO B 146 -39.42 -15.97 -0.18
CA PRO B 146 -40.00 -15.32 0.99
C PRO B 146 -38.93 -15.05 2.05
N ILE B 147 -39.10 -13.95 2.77
CA ILE B 147 -38.16 -13.59 3.81
C ILE B 147 -37.91 -14.72 4.80
N LEU B 148 -38.98 -15.33 5.31
CA LEU B 148 -38.85 -16.39 6.30
C LEU B 148 -37.94 -17.52 5.83
N GLU B 149 -38.00 -17.86 4.55
CA GLU B 149 -37.13 -18.91 4.03
C GLU B 149 -35.68 -18.50 4.29
N THR B 150 -35.35 -17.25 3.97
CA THR B 150 -34.00 -16.76 4.18
C THR B 150 -33.66 -16.76 5.67
N TRP B 151 -34.63 -16.38 6.49
CA TRP B 151 -34.41 -16.34 7.93
C TRP B 151 -34.12 -17.70 8.53
N LYS B 152 -34.75 -18.74 8.00
CA LYS B 152 -34.51 -20.08 8.53
C LYS B 152 -33.11 -20.54 8.16
N ALA B 153 -32.68 -20.22 6.95
CA ALA B 153 -31.34 -20.59 6.51
C ALA B 153 -30.36 -19.97 7.50
N LEU B 154 -30.65 -18.74 7.91
CA LEU B 154 -29.80 -18.03 8.86
C LEU B 154 -29.84 -18.67 10.24
N GLU B 155 -31.03 -19.06 10.68
CA GLU B 155 -31.16 -19.68 11.99
C GLU B 155 -30.30 -20.94 12.02
N LYS B 156 -30.26 -21.67 10.91
CA LYS B 156 -29.46 -22.88 10.84
C LYS B 156 -27.99 -22.52 11.08
N LEU B 157 -27.51 -21.52 10.34
CA LEU B 157 -26.13 -21.06 10.44
C LEU B 157 -25.77 -20.59 11.86
N VAL B 158 -26.76 -20.14 12.61
CA VAL B 158 -26.51 -19.71 13.99
C VAL B 158 -26.23 -20.96 14.82
N ALA B 159 -27.02 -22.00 14.58
CA ALA B 159 -26.85 -23.26 15.30
C ALA B 159 -25.53 -23.90 14.89
N ALA B 160 -25.07 -23.61 13.68
CA ALA B 160 -23.81 -24.16 13.18
C ALA B 160 -22.61 -23.40 13.73
N GLY B 161 -22.88 -22.36 14.52
CA GLY B 161 -21.81 -21.58 15.11
C GLY B 161 -21.14 -20.55 14.21
N LYS B 162 -21.65 -20.36 13.00
CA LYS B 162 -21.05 -19.40 12.08
C LYS B 162 -21.50 -17.95 12.32
N ILE B 163 -22.58 -17.78 13.06
CA ILE B 163 -23.12 -16.46 13.35
C ILE B 163 -23.59 -16.44 14.79
N LYS B 164 -23.20 -15.41 15.55
CA LYS B 164 -23.62 -15.32 16.96
C LYS B 164 -25.04 -14.75 17.05
N SER B 165 -25.27 -13.65 16.35
CA SER B 165 -26.58 -13.02 16.36
C SER B 165 -27.03 -12.67 14.95
N ILE B 166 -28.34 -12.70 14.73
CA ILE B 166 -28.88 -12.36 13.42
C ILE B 166 -29.95 -11.27 13.53
N GLY B 167 -30.11 -10.52 12.45
CA GLY B 167 -31.08 -9.44 12.45
C GLY B 167 -31.44 -9.01 11.04
N VAL B 168 -32.20 -7.93 10.93
CA VAL B 168 -32.61 -7.45 9.64
C VAL B 168 -32.33 -5.97 9.49
N SER B 169 -32.28 -5.51 8.26
CA SER B 169 -32.02 -4.12 7.95
C SER B 169 -33.03 -3.65 6.92
N ASN B 170 -33.48 -2.41 7.06
CA ASN B 170 -34.44 -1.85 6.11
C ASN B 170 -35.78 -2.56 6.06
N PHE B 171 -36.23 -3.05 7.22
CA PHE B 171 -37.51 -3.71 7.33
C PHE B 171 -38.56 -2.74 7.89
N PRO B 172 -39.71 -2.61 7.22
CA PRO B 172 -40.71 -1.69 7.77
C PRO B 172 -41.43 -2.45 8.91
N GLY B 173 -42.28 -1.75 9.67
CA GLY B 173 -42.98 -2.40 10.78
C GLY B 173 -43.80 -3.64 10.45
N ALA B 174 -44.60 -3.57 9.39
CA ALA B 174 -45.44 -4.71 9.00
C ALA B 174 -44.61 -5.95 8.67
N LEU B 175 -43.48 -5.75 8.01
CA LEU B 175 -42.62 -6.86 7.63
C LEU B 175 -41.91 -7.45 8.85
N LEU B 176 -41.44 -6.60 9.75
CA LEU B 176 -40.78 -7.09 10.96
C LEU B 176 -41.79 -7.89 11.78
N LEU B 177 -42.99 -7.35 11.92
CA LEU B 177 -44.05 -8.02 12.67
C LEU B 177 -44.27 -9.43 12.13
N ASP B 178 -44.47 -9.55 10.82
CA ASP B 178 -44.69 -10.85 10.21
C ASP B 178 -43.51 -11.80 10.45
N LEU B 179 -42.30 -11.29 10.35
CA LEU B 179 -41.12 -12.11 10.59
C LEU B 179 -41.13 -12.64 12.02
N LEU B 180 -41.56 -11.81 12.97
CA LEU B 180 -41.61 -12.21 14.37
C LEU B 180 -42.58 -13.37 14.56
N ARG B 181 -43.52 -13.51 13.63
CA ARG B 181 -44.51 -14.59 13.71
C ARG B 181 -43.94 -15.95 13.38
N GLY B 182 -42.97 -16.00 12.47
CA GLY B 182 -42.41 -17.28 12.09
C GLY B 182 -40.96 -17.53 12.48
N ALA B 183 -40.37 -16.62 13.24
CA ALA B 183 -38.97 -16.77 13.62
C ALA B 183 -38.75 -17.54 14.92
N THR B 184 -37.83 -18.49 14.89
CA THR B 184 -37.50 -19.27 16.08
C THR B 184 -36.54 -18.42 16.89
N ILE B 185 -35.50 -17.91 16.23
CA ILE B 185 -34.54 -17.01 16.89
C ILE B 185 -35.05 -15.63 16.49
N LYS B 186 -35.45 -14.84 17.47
CA LYS B 186 -35.97 -13.50 17.20
C LYS B 186 -34.91 -12.58 16.64
N PRO B 187 -35.23 -11.80 15.59
CA PRO B 187 -34.23 -10.89 15.04
C PRO B 187 -33.75 -10.00 16.17
N ALA B 188 -32.45 -10.08 16.47
CA ALA B 188 -31.87 -9.31 17.55
C ALA B 188 -31.67 -7.84 17.24
N VAL B 189 -31.53 -7.52 15.96
CA VAL B 189 -31.29 -6.16 15.53
C VAL B 189 -32.12 -5.70 14.34
N LEU B 190 -32.49 -4.42 14.38
CA LEU B 190 -33.21 -3.77 13.29
C LEU B 190 -32.34 -2.57 12.95
N GLN B 191 -31.69 -2.60 11.79
CA GLN B 191 -30.83 -1.51 11.38
C GLN B 191 -31.56 -0.73 10.29
N VAL B 192 -31.82 0.55 10.57
CA VAL B 192 -32.53 1.39 9.62
C VAL B 192 -31.98 2.81 9.59
N GLU B 193 -32.34 3.53 8.53
CA GLU B 193 -31.92 4.92 8.33
C GLU B 193 -32.59 5.68 9.46
N HIS B 194 -31.80 6.37 10.27
CA HIS B 194 -32.36 7.11 11.40
C HIS B 194 -31.62 8.43 11.63
N HIS B 195 -32.37 9.52 11.50
CA HIS B 195 -31.85 10.87 11.69
C HIS B 195 -33.06 11.81 11.84
N PRO B 196 -32.81 13.05 12.30
CA PRO B 196 -33.90 14.03 12.49
C PRO B 196 -34.89 14.21 11.34
N TYR B 197 -34.48 13.99 10.09
CA TYR B 197 -35.40 14.15 8.97
C TYR B 197 -36.25 12.91 8.71
N LEU B 198 -35.86 11.78 9.30
CA LEU B 198 -36.61 10.52 9.16
C LEU B 198 -36.56 9.80 10.50
N GLN B 199 -37.42 10.22 11.41
CA GLN B 199 -37.46 9.68 12.76
C GLN B 199 -38.23 8.38 13.00
N GLN B 200 -39.29 8.15 12.22
CA GLN B 200 -40.11 6.94 12.36
C GLN B 200 -40.19 6.49 13.82
N PRO B 201 -40.64 7.39 14.72
CA PRO B 201 -40.75 7.07 16.15
C PRO B 201 -41.61 5.84 16.48
N LYS B 202 -42.61 5.57 15.65
CA LYS B 202 -43.48 4.42 15.89
C LYS B 202 -42.78 3.10 15.58
N LEU B 203 -41.95 3.08 14.56
CA LEU B 203 -41.22 1.87 14.21
C LEU B 203 -40.25 1.60 15.35
N ILE B 204 -39.55 2.64 15.78
CA ILE B 204 -38.58 2.52 16.87
C ILE B 204 -39.23 2.00 18.15
N GLU B 205 -40.34 2.61 18.54
CA GLU B 205 -41.05 2.21 19.75
C GLU B 205 -41.47 0.75 19.68
N PHE B 206 -42.09 0.36 18.57
CA PHE B 206 -42.52 -1.03 18.41
C PHE B 206 -41.34 -1.99 18.53
N ALA B 207 -40.30 -1.76 17.74
CA ALA B 207 -39.14 -2.64 17.74
C ALA B 207 -38.56 -2.78 19.14
N GLN B 208 -38.30 -1.65 19.79
CA GLN B 208 -37.74 -1.69 21.14
C GLN B 208 -38.65 -2.43 22.10
N LYS B 209 -39.95 -2.11 22.08
CA LYS B 209 -40.88 -2.79 22.97
C LYS B 209 -40.89 -4.30 22.67
N ALA B 210 -40.49 -4.68 21.47
CA ALA B 210 -40.44 -6.09 21.09
C ALA B 210 -39.10 -6.73 21.45
N GLY B 211 -38.27 -6.00 22.18
CA GLY B 211 -36.97 -6.55 22.57
C GLY B 211 -35.93 -6.53 21.47
N VAL B 212 -36.26 -5.90 20.34
CA VAL B 212 -35.36 -5.78 19.20
C VAL B 212 -34.49 -4.54 19.35
N THR B 213 -33.18 -4.67 19.13
CA THR B 213 -32.27 -3.54 19.25
C THR B 213 -32.14 -2.75 17.94
N ILE B 214 -32.25 -1.43 18.03
CA ILE B 214 -32.16 -0.56 16.86
C ILE B 214 -30.76 -0.02 16.64
N THR B 215 -30.28 -0.12 15.40
CA THR B 215 -29.00 0.44 15.03
C THR B 215 -29.36 1.45 13.95
N ALA B 216 -28.95 2.70 14.14
CA ALA B 216 -29.25 3.73 13.17
C ALA B 216 -28.08 3.85 12.18
N TYR B 217 -28.41 4.12 10.93
CA TYR B 217 -27.37 4.32 9.94
C TYR B 217 -27.65 5.68 9.30
N SER B 218 -26.60 6.32 8.78
CA SER B 218 -26.75 7.65 8.20
C SER B 218 -27.28 8.62 9.26
N SER B 219 -26.69 8.56 10.46
CA SER B 219 -27.08 9.43 11.56
C SER B 219 -26.97 10.90 11.19
N PHE B 220 -26.17 11.20 10.17
CA PHE B 220 -25.99 12.58 9.73
C PHE B 220 -26.85 12.97 8.53
N GLY B 221 -27.93 12.22 8.34
CA GLY B 221 -28.85 12.53 7.25
C GLY B 221 -28.36 12.47 5.82
N PRO B 222 -28.46 13.58 5.08
CA PRO B 222 -28.05 13.69 3.67
C PRO B 222 -26.55 13.68 3.38
N GLN B 223 -25.74 13.93 4.39
CA GLN B 223 -24.29 14.00 4.21
C GLN B 223 -23.70 12.83 3.44
N SER B 224 -23.99 11.62 3.92
CA SER B 224 -23.47 10.42 3.29
C SER B 224 -23.83 10.33 1.81
N PHE B 225 -25.03 10.78 1.46
CA PHE B 225 -25.47 10.69 0.07
C PHE B 225 -25.05 11.88 -0.78
N VAL B 226 -24.68 12.98 -0.12
CA VAL B 226 -24.21 14.15 -0.84
C VAL B 226 -22.88 13.74 -1.46
N GLU B 227 -22.11 12.99 -0.68
CA GLU B 227 -20.80 12.52 -1.11
C GLU B 227 -20.93 11.55 -2.28
N MET B 228 -22.16 11.16 -2.57
CA MET B 228 -22.44 10.25 -3.68
C MET B 228 -23.12 11.01 -4.81
N ASN B 229 -23.19 12.33 -4.68
CA ASN B 229 -23.80 13.19 -5.68
C ASN B 229 -25.29 12.92 -5.90
N GLN B 230 -25.98 12.50 -4.84
CA GLN B 230 -27.41 12.24 -4.95
C GLN B 230 -28.18 13.56 -4.93
N GLY B 231 -29.03 13.76 -5.93
CA GLY B 231 -29.81 14.98 -6.01
C GLY B 231 -30.62 15.33 -4.77
N ARG B 232 -31.38 14.35 -4.26
CA ARG B 232 -32.22 14.56 -3.09
C ARG B 232 -31.43 15.08 -1.89
N ALA B 233 -30.29 14.46 -1.61
CA ALA B 233 -29.47 14.86 -0.47
C ALA B 233 -28.87 16.24 -0.70
N LEU B 234 -28.37 16.49 -1.91
CA LEU B 234 -27.78 17.79 -2.22
C LEU B 234 -28.78 18.92 -2.02
N ASN B 235 -30.05 18.66 -2.34
CA ASN B 235 -31.09 19.67 -2.20
C ASN B 235 -31.55 19.85 -0.76
N THR B 236 -31.09 18.97 0.12
CA THR B 236 -31.50 19.03 1.52
C THR B 236 -30.54 19.80 2.43
N PRO B 237 -31.06 20.78 3.18
CA PRO B 237 -30.20 21.54 4.09
C PRO B 237 -29.53 20.58 5.07
N THR B 238 -28.23 20.71 5.25
CA THR B 238 -27.51 19.82 6.15
C THR B 238 -27.97 19.99 7.59
N LEU B 239 -27.87 18.91 8.38
CA LEU B 239 -28.25 18.96 9.78
C LEU B 239 -27.19 19.69 10.59
N PHE B 240 -25.97 19.73 10.08
CA PHE B 240 -24.87 20.42 10.76
C PHE B 240 -25.09 21.94 10.79
N ALA B 241 -25.76 22.48 9.77
CA ALA B 241 -26.01 23.92 9.73
C ALA B 241 -27.46 24.28 10.07
N HIS B 242 -28.23 23.30 10.55
CA HIS B 242 -29.63 23.55 10.91
C HIS B 242 -29.71 24.36 12.20
N ASP B 243 -30.56 25.38 12.22
CA ASP B 243 -30.71 26.22 13.40
C ASP B 243 -31.06 25.46 14.68
N THR B 244 -31.96 24.49 14.59
CA THR B 244 -32.35 23.73 15.77
C THR B 244 -31.18 22.95 16.35
N ILE B 245 -30.45 22.24 15.48
CA ILE B 245 -29.31 21.46 15.92
C ILE B 245 -28.22 22.33 16.52
N LYS B 246 -27.92 23.45 15.86
CA LYS B 246 -26.88 24.35 16.35
C LYS B 246 -27.23 25.00 17.69
N ALA B 247 -28.49 25.40 17.84
CA ALA B 247 -28.93 26.03 19.07
C ALA B 247 -28.69 25.05 20.23
N ILE B 248 -29.18 23.83 20.08
CA ILE B 248 -29.01 22.83 21.11
C ILE B 248 -27.52 22.57 21.34
N ALA B 249 -26.76 22.48 20.26
CA ALA B 249 -25.32 22.25 20.37
C ALA B 249 -24.69 23.37 21.20
N ALA B 250 -25.01 24.62 20.86
CA ALA B 250 -24.46 25.75 21.59
C ALA B 250 -24.90 25.71 23.05
N LYS B 251 -26.17 25.39 23.27
CA LYS B 251 -26.69 25.34 24.63
C LYS B 251 -25.82 24.49 25.55
N TYR B 252 -25.35 23.34 25.05
CA TYR B 252 -24.52 22.45 25.84
C TYR B 252 -23.04 22.58 25.55
N ASN B 253 -22.71 23.49 24.64
CA ASN B 253 -21.33 23.71 24.27
C ASN B 253 -20.79 22.42 23.65
N LYS B 254 -21.56 21.87 22.71
CA LYS B 254 -21.15 20.66 22.02
C LYS B 254 -21.27 20.94 20.54
N THR B 255 -20.81 20.02 19.71
CA THR B 255 -20.89 20.20 18.28
C THR B 255 -22.18 19.59 17.75
N PRO B 256 -22.67 20.11 16.62
CA PRO B 256 -23.90 19.57 16.04
C PRO B 256 -23.74 18.06 15.82
N ALA B 257 -22.54 17.64 15.40
CA ALA B 257 -22.29 16.23 15.18
C ALA B 257 -22.59 15.44 16.45
N GLU B 258 -22.07 15.92 17.58
CA GLU B 258 -22.29 15.25 18.86
C GLU B 258 -23.77 15.20 19.24
N VAL B 259 -24.49 16.29 18.99
CA VAL B 259 -25.92 16.32 19.30
C VAL B 259 -26.69 15.31 18.45
N LEU B 260 -26.32 15.21 17.18
CA LEU B 260 -26.95 14.28 16.25
C LEU B 260 -26.76 12.81 16.65
N LEU B 261 -25.61 12.49 17.23
CA LEU B 261 -25.35 11.12 17.67
C LEU B 261 -25.95 10.84 19.04
N ARG B 262 -25.88 11.82 19.94
CA ARG B 262 -26.42 11.66 21.28
C ARG B 262 -27.93 11.50 21.22
N TRP B 263 -28.56 12.22 20.28
CA TRP B 263 -30.00 12.18 20.08
C TRP B 263 -30.48 10.74 19.86
N ALA B 264 -29.62 9.93 19.26
CA ALA B 264 -29.96 8.53 19.01
C ALA B 264 -29.55 7.70 20.22
N ALA B 265 -28.30 7.87 20.64
CA ALA B 265 -27.75 7.14 21.77
C ALA B 265 -28.57 7.23 23.06
N GLN B 266 -29.05 8.43 23.38
CA GLN B 266 -29.82 8.61 24.61
C GLN B 266 -31.10 7.80 24.65
N ARG B 267 -31.64 7.49 23.48
CA ARG B 267 -32.88 6.70 23.40
C ARG B 267 -32.58 5.23 23.21
N GLY B 268 -31.38 4.80 23.59
CA GLY B 268 -30.98 3.42 23.46
C GLY B 268 -30.71 2.90 22.06
N ILE B 269 -30.42 3.80 21.13
CA ILE B 269 -30.17 3.40 19.75
C ILE B 269 -28.68 3.35 19.45
N ALA B 270 -28.22 2.25 18.88
CA ALA B 270 -26.80 2.12 18.54
C ALA B 270 -26.47 2.95 17.30
N VAL B 271 -25.25 3.45 17.25
CA VAL B 271 -24.81 4.23 16.12
C VAL B 271 -23.52 3.66 15.55
N ILE B 272 -23.35 3.84 14.25
CA ILE B 272 -22.18 3.35 13.53
C ILE B 272 -21.72 4.45 12.58
N PRO B 273 -21.37 5.62 13.13
CA PRO B 273 -20.94 6.75 12.32
C PRO B 273 -19.76 6.43 11.40
N ARG B 274 -19.76 7.08 10.24
CA ARG B 274 -18.69 6.92 9.26
C ARG B 274 -17.63 7.95 9.59
N SER B 275 -16.52 7.51 10.18
CA SER B 275 -15.45 8.44 10.54
C SER B 275 -14.39 8.36 9.45
N ASN B 276 -14.29 9.42 8.66
CA ASN B 276 -13.31 9.45 7.56
C ASN B 276 -12.16 10.44 7.75
N LEU B 277 -11.92 10.84 9.00
CA LEU B 277 -10.84 11.75 9.36
C LEU B 277 -10.43 11.41 10.79
N PRO B 278 -9.13 11.51 11.10
CA PRO B 278 -8.66 11.19 12.45
C PRO B 278 -9.45 11.92 13.54
N GLU B 279 -9.62 13.22 13.37
CA GLU B 279 -10.36 14.03 14.33
C GLU B 279 -11.78 13.50 14.54
N ARG B 280 -12.41 13.06 13.46
CA ARG B 280 -13.76 12.52 13.55
C ARG B 280 -13.81 11.18 14.27
N LEU B 281 -12.75 10.38 14.13
CA LEU B 281 -12.70 9.09 14.82
C LEU B 281 -12.95 9.33 16.30
N VAL B 282 -12.27 10.31 16.86
CA VAL B 282 -12.40 10.63 18.27
C VAL B 282 -13.74 11.28 18.60
N GLN B 283 -14.11 12.30 17.83
CA GLN B 283 -15.37 13.00 18.07
C GLN B 283 -16.54 12.03 18.11
N ASN B 284 -16.63 11.17 17.09
CA ASN B 284 -17.73 10.23 16.98
C ASN B 284 -17.88 9.11 18.00
N ARG B 285 -16.98 9.05 18.99
CA ARG B 285 -17.09 8.01 20.00
C ARG B 285 -17.02 8.62 21.40
N SER B 286 -17.04 9.95 21.48
CA SER B 286 -16.95 10.65 22.76
C SER B 286 -18.04 11.70 22.93
N PHE B 287 -19.25 11.41 22.47
CA PHE B 287 -20.35 12.37 22.56
C PHE B 287 -21.24 12.22 23.79
N ASN B 288 -21.19 11.06 24.45
CA ASN B 288 -22.02 10.83 25.64
C ASN B 288 -21.52 11.60 26.85
N THR B 289 -21.53 12.92 26.73
CA THR B 289 -21.04 13.79 27.78
C THR B 289 -22.10 14.77 28.26
N PHE B 290 -23.31 14.63 27.75
CA PHE B 290 -24.41 15.50 28.13
C PHE B 290 -25.74 14.79 27.87
N ASP B 291 -26.82 15.33 28.44
CA ASP B 291 -28.15 14.76 28.26
C ASP B 291 -29.07 15.76 27.61
N LEU B 292 -29.88 15.29 26.65
CA LEU B 292 -30.84 16.14 25.99
C LEU B 292 -32.09 16.18 26.88
N THR B 293 -32.76 17.33 26.96
CA THR B 293 -33.94 17.44 27.79
C THR B 293 -35.19 17.14 26.97
N LYS B 294 -36.31 16.95 27.66
CA LYS B 294 -37.56 16.66 26.97
C LYS B 294 -37.83 17.76 25.95
N GLU B 295 -37.53 18.99 26.34
CA GLU B 295 -37.71 20.15 25.46
C GLU B 295 -36.85 19.97 24.21
N ASP B 296 -35.62 19.54 24.40
CA ASP B 296 -34.70 19.32 23.29
C ASP B 296 -35.27 18.33 22.30
N PHE B 297 -35.74 17.20 22.81
CA PHE B 297 -36.31 16.16 21.96
C PHE B 297 -37.52 16.69 21.20
N GLU B 298 -38.34 17.50 21.88
CA GLU B 298 -39.53 18.05 21.23
C GLU B 298 -39.13 18.99 20.11
N GLU B 299 -38.03 19.71 20.30
CA GLU B 299 -37.57 20.63 19.28
C GLU B 299 -37.03 19.86 18.08
N ILE B 300 -36.19 18.87 18.34
CA ILE B 300 -35.61 18.08 17.26
C ILE B 300 -36.70 17.29 16.57
N ALA B 301 -37.73 16.91 17.32
CA ALA B 301 -38.83 16.15 16.76
C ALA B 301 -39.51 16.89 15.62
N LYS B 302 -39.46 18.22 15.65
CA LYS B 302 -40.10 19.02 14.61
C LYS B 302 -39.46 18.88 13.23
N LEU B 303 -38.24 18.34 13.17
CA LEU B 303 -37.55 18.19 11.90
C LEU B 303 -38.05 17.01 11.08
N ASP B 304 -38.68 16.04 11.73
CA ASP B 304 -39.16 14.86 11.03
C ASP B 304 -40.10 15.24 9.89
N ILE B 305 -39.73 14.85 8.67
CA ILE B 305 -40.54 15.15 7.50
C ILE B 305 -40.60 13.94 6.57
N GLY B 306 -40.18 12.79 7.09
CA GLY B 306 -40.19 11.57 6.29
C GLY B 306 -39.28 11.62 5.07
N LEU B 307 -38.16 12.33 5.16
CA LEU B 307 -37.24 12.42 4.04
C LEU B 307 -36.29 11.22 4.08
N ARG B 308 -36.44 10.33 3.11
CA ARG B 308 -35.62 9.12 3.04
C ARG B 308 -34.56 9.15 1.94
N PHE B 309 -33.31 8.94 2.34
CA PHE B 309 -32.21 8.96 1.39
C PHE B 309 -31.85 7.62 0.77
N ASN B 310 -31.95 6.53 1.55
CA ASN B 310 -31.63 5.20 1.04
C ASN B 310 -32.96 4.52 0.76
N ASP B 311 -33.42 4.64 -0.48
CA ASP B 311 -34.72 4.12 -0.88
C ASP B 311 -34.70 3.27 -2.15
N PRO B 312 -34.97 1.96 -2.01
CA PRO B 312 -34.99 1.04 -3.15
C PRO B 312 -35.99 1.48 -4.22
N TRP B 313 -36.88 2.40 -3.86
CA TRP B 313 -37.85 2.88 -4.84
C TRP B 313 -37.08 3.60 -5.95
N ASP B 314 -35.90 4.13 -5.59
CA ASP B 314 -35.08 4.84 -6.55
C ASP B 314 -34.38 3.90 -7.52
N TRP B 315 -34.08 2.68 -7.07
CA TRP B 315 -33.39 1.71 -7.93
C TRP B 315 -34.27 1.19 -9.04
N ASP B 316 -35.44 0.69 -8.66
CA ASP B 316 -36.35 0.09 -9.62
C ASP B 316 -37.79 0.05 -9.10
N ASN B 317 -38.22 1.16 -8.52
CA ASN B 317 -39.58 1.26 -7.96
C ASN B 317 -39.93 0.07 -7.07
N ILE B 318 -39.01 -0.32 -6.19
CA ILE B 318 -39.25 -1.42 -5.26
C ILE B 318 -40.03 -0.80 -4.09
N PRO B 319 -41.28 -1.24 -3.87
CA PRO B 319 -42.20 -0.78 -2.83
C PRO B 319 -41.86 -1.07 -1.37
N ILE B 320 -40.58 -1.10 -1.04
CA ILE B 320 -40.19 -1.41 0.32
C ILE B 320 -40.70 -0.43 1.37
N PHE B 321 -40.75 0.85 1.03
CA PHE B 321 -41.19 1.85 2.00
C PHE B 321 -42.47 2.59 1.60
N VAL B 322 -43.30 1.96 0.80
CA VAL B 322 -44.54 2.58 0.38
C VAL B 322 -45.74 1.76 0.88
N SER C 4 67.10 11.45 -33.19
CA SER C 4 66.91 9.97 -33.11
C SER C 4 65.98 9.59 -31.95
N ILE C 5 66.34 9.98 -30.73
CA ILE C 5 65.54 9.68 -29.54
C ILE C 5 64.38 10.67 -29.42
N PRO C 6 63.16 10.22 -29.73
CA PRO C 6 61.95 11.06 -29.66
C PRO C 6 61.70 11.68 -28.29
N ASP C 7 61.27 12.94 -28.27
CA ASP C 7 60.96 13.62 -27.03
C ASP C 7 59.45 13.56 -26.77
N ILE C 8 59.07 13.61 -25.50
CA ILE C 8 57.67 13.59 -25.12
C ILE C 8 57.39 14.89 -24.39
N LYS C 9 56.39 15.63 -24.84
CA LYS C 9 56.05 16.89 -24.19
C LYS C 9 55.18 16.61 -23.00
N LEU C 10 55.69 16.97 -21.81
CA LEU C 10 54.97 16.77 -20.56
C LEU C 10 53.90 17.84 -20.41
N SER C 11 52.95 17.59 -19.52
CA SER C 11 51.88 18.54 -19.27
C SER C 11 52.44 19.87 -18.76
N SER C 12 53.65 19.82 -18.21
CA SER C 12 54.29 21.02 -17.69
C SER C 12 54.85 21.88 -18.82
N GLY C 13 54.84 21.35 -20.03
CA GLY C 13 55.35 22.08 -21.17
C GLY C 13 56.79 21.71 -21.51
N HIS C 14 57.48 21.09 -20.56
CA HIS C 14 58.86 20.69 -20.76
C HIS C 14 58.95 19.39 -21.53
N LEU C 15 60.05 19.20 -22.25
CA LEU C 15 60.27 17.99 -23.03
C LEU C 15 61.07 16.97 -22.22
N MET C 16 60.69 15.70 -22.34
CA MET C 16 61.38 14.63 -21.66
C MET C 16 61.74 13.56 -22.67
N PRO C 17 63.03 13.19 -22.74
CA PRO C 17 63.42 12.16 -23.70
C PRO C 17 62.62 10.88 -23.44
N SER C 18 62.16 10.23 -24.51
CA SER C 18 61.38 9.00 -24.38
C SER C 18 62.23 7.80 -23.98
N ILE C 19 63.54 7.91 -24.16
CA ILE C 19 64.46 6.83 -23.79
C ILE C 19 65.51 7.42 -22.85
N GLY C 20 65.69 6.82 -21.68
CA GLY C 20 66.68 7.32 -20.73
C GLY C 20 67.57 6.23 -20.19
N PHE C 21 68.47 6.59 -19.27
CA PHE C 21 69.39 5.63 -18.67
C PHE C 21 69.08 5.44 -17.18
N GLY C 22 68.75 4.20 -16.80
CA GLY C 22 68.44 3.91 -15.41
C GLY C 22 69.68 3.92 -14.54
N CYS C 23 69.62 4.61 -13.41
CA CYS C 23 70.77 4.71 -12.52
C CYS C 23 70.75 3.82 -11.29
N TRP C 24 69.73 2.99 -11.16
CA TRP C 24 69.64 2.09 -10.00
C TRP C 24 70.73 1.04 -10.07
N LYS C 25 71.39 0.83 -8.93
CA LYS C 25 72.45 -0.15 -8.81
C LYS C 25 73.76 0.16 -9.52
N LEU C 26 73.92 1.39 -10.01
CA LEU C 26 75.19 1.76 -10.63
C LEU C 26 76.16 1.88 -9.46
N ALA C 27 77.23 1.10 -9.48
CA ALA C 27 78.22 1.13 -8.40
C ALA C 27 78.72 2.56 -8.23
N ASN C 28 78.98 2.95 -6.99
CA ASN C 28 79.45 4.30 -6.73
C ASN C 28 80.79 4.62 -7.40
N ALA C 29 81.68 3.64 -7.40
CA ALA C 29 83.00 3.84 -7.98
C ALA C 29 82.99 4.07 -9.48
N THR C 30 81.97 3.58 -10.19
CA THR C 30 81.94 3.76 -11.64
C THR C 30 80.74 4.53 -12.20
N ALA C 31 79.83 4.95 -11.32
CA ALA C 31 78.64 5.68 -11.76
C ALA C 31 79.02 6.91 -12.59
N GLY C 32 80.00 7.66 -12.09
CA GLY C 32 80.43 8.85 -12.80
C GLY C 32 80.84 8.51 -14.22
N GLU C 33 81.72 7.53 -14.37
CA GLU C 33 82.21 7.12 -15.68
C GLU C 33 81.11 6.58 -16.59
N GLN C 34 80.22 5.76 -16.04
CA GLN C 34 79.14 5.19 -16.85
C GLN C 34 78.17 6.25 -17.35
N VAL C 35 77.78 7.19 -16.49
CA VAL C 35 76.87 8.25 -16.92
C VAL C 35 77.55 9.03 -18.04
N TYR C 36 78.82 9.37 -17.83
CA TYR C 36 79.60 10.11 -18.81
C TYR C 36 79.56 9.38 -20.16
N GLN C 37 79.85 8.08 -20.14
CA GLN C 37 79.86 7.28 -21.36
C GLN C 37 78.47 7.25 -21.99
N ALA C 38 77.44 7.16 -21.16
CA ALA C 38 76.06 7.14 -21.64
C ALA C 38 75.80 8.44 -22.39
N ILE C 39 76.26 9.54 -21.82
CA ILE C 39 76.09 10.83 -22.44
C ILE C 39 76.77 10.84 -23.81
N LYS C 40 77.97 10.26 -23.89
CA LYS C 40 78.69 10.21 -25.16
C LYS C 40 77.97 9.30 -26.15
N ALA C 41 77.27 8.29 -25.62
CA ALA C 41 76.53 7.35 -26.46
C ALA C 41 75.19 7.92 -26.93
N GLY C 42 74.82 9.09 -26.42
CA GLY C 42 73.57 9.69 -26.84
C GLY C 42 72.47 9.88 -25.82
N TYR C 43 72.58 9.27 -24.63
CA TYR C 43 71.54 9.44 -23.61
C TYR C 43 71.58 10.84 -23.04
N ARG C 44 70.41 11.39 -22.75
CA ARG C 44 70.30 12.72 -22.19
C ARG C 44 69.50 12.72 -20.90
N LEU C 45 68.65 11.72 -20.72
CA LEU C 45 67.85 11.59 -19.51
C LEU C 45 68.44 10.52 -18.61
N PHE C 46 68.58 10.85 -17.33
CA PHE C 46 69.08 9.89 -16.38
C PHE C 46 68.07 9.78 -15.26
N ASP C 47 67.64 8.56 -15.00
CA ASP C 47 66.66 8.30 -13.95
C ASP C 47 67.39 7.83 -12.70
N GLY C 48 67.44 8.71 -11.69
CA GLY C 48 68.11 8.39 -10.45
C GLY C 48 67.18 8.57 -9.26
N ALA C 49 67.74 8.55 -8.05
CA ALA C 49 66.92 8.70 -6.87
C ALA C 49 67.78 8.80 -5.62
N GLU C 50 67.25 9.45 -4.61
CA GLU C 50 67.97 9.59 -3.36
C GLU C 50 68.28 8.19 -2.83
N ASP C 51 67.28 7.31 -2.85
CA ASP C 51 67.45 5.97 -2.34
C ASP C 51 68.54 5.15 -3.02
N TYR C 52 68.89 5.50 -4.26
CA TYR C 52 69.92 4.76 -5.00
C TYR C 52 71.31 5.00 -4.44
N GLY C 53 71.42 6.02 -3.59
CA GLY C 53 72.69 6.36 -2.96
C GLY C 53 73.89 6.66 -3.85
N ASN C 54 73.65 7.06 -5.09
CA ASN C 54 74.76 7.34 -6.00
C ASN C 54 74.59 8.66 -6.76
N GLU C 55 73.69 9.52 -6.28
CA GLU C 55 73.44 10.78 -6.95
C GLU C 55 74.68 11.65 -7.02
N LYS C 56 75.50 11.63 -5.97
CA LYS C 56 76.71 12.42 -5.97
C LYS C 56 77.58 12.01 -7.16
N GLU C 57 77.67 10.71 -7.43
CA GLU C 57 78.48 10.22 -8.55
C GLU C 57 77.79 10.43 -9.90
N VAL C 58 76.47 10.36 -9.93
CA VAL C 58 75.77 10.61 -11.19
C VAL C 58 76.11 12.06 -11.53
N GLY C 59 76.20 12.89 -10.48
CA GLY C 59 76.50 14.29 -10.64
C GLY C 59 77.88 14.50 -11.26
N ASP C 60 78.86 13.70 -10.80
CA ASP C 60 80.22 13.78 -11.33
C ASP C 60 80.21 13.48 -12.81
N GLY C 61 79.48 12.45 -13.22
CA GLY C 61 79.41 12.11 -14.63
C GLY C 61 78.87 13.26 -15.47
N VAL C 62 77.80 13.89 -14.97
CA VAL C 62 77.17 15.01 -15.67
C VAL C 62 78.07 16.23 -15.72
N LYS C 63 78.69 16.56 -14.58
CA LYS C 63 79.58 17.71 -14.53
C LYS C 63 80.72 17.54 -15.52
N ARG C 64 81.32 16.35 -15.53
CA ARG C 64 82.42 16.08 -16.43
C ARG C 64 82.01 16.29 -17.89
N ALA C 65 80.82 15.81 -18.25
CA ALA C 65 80.36 15.97 -19.63
C ALA C 65 80.16 17.44 -19.98
N ILE C 66 79.70 18.23 -19.01
CA ILE C 66 79.47 19.64 -19.25
C ILE C 66 80.80 20.39 -19.33
N ASP C 67 81.70 20.10 -18.41
CA ASP C 67 83.00 20.75 -18.39
C ASP C 67 83.77 20.53 -19.69
N GLU C 68 83.70 19.32 -20.24
CA GLU C 68 84.39 19.01 -21.49
C GLU C 68 83.63 19.54 -22.71
N GLY C 69 82.47 20.15 -22.46
CA GLY C 69 81.69 20.71 -23.53
C GLY C 69 80.92 19.75 -24.40
N LEU C 70 80.68 18.53 -23.90
CA LEU C 70 79.93 17.55 -24.67
C LEU C 70 78.46 17.94 -24.71
N VAL C 71 77.99 18.52 -23.62
CA VAL C 71 76.60 18.96 -23.49
C VAL C 71 76.49 20.16 -22.55
N LYS C 72 75.31 20.75 -22.56
CA LYS C 72 75.01 21.88 -21.69
C LYS C 72 73.97 21.33 -20.70
N ARG C 73 73.88 21.95 -19.52
CA ARG C 73 72.91 21.51 -18.52
C ARG C 73 71.50 21.39 -19.08
N GLU C 74 71.08 22.37 -19.89
CA GLU C 74 69.76 22.39 -20.49
C GLU C 74 69.50 21.18 -21.41
N GLU C 75 70.56 20.52 -21.85
CA GLU C 75 70.41 19.38 -22.74
C GLU C 75 70.28 18.06 -21.99
N ILE C 76 70.52 18.09 -20.68
CA ILE C 76 70.42 16.90 -19.84
C ILE C 76 69.13 16.97 -19.00
N PHE C 77 68.44 15.85 -18.91
CA PHE C 77 67.19 15.78 -18.15
C PHE C 77 67.45 14.88 -16.94
N LEU C 78 67.50 15.46 -15.76
CA LEU C 78 67.75 14.69 -14.55
C LEU C 78 66.47 14.41 -13.76
N THR C 79 66.25 13.12 -13.47
CA THR C 79 65.09 12.71 -12.69
C THR C 79 65.54 12.16 -11.35
N SER C 80 64.96 12.67 -10.28
CA SER C 80 65.29 12.16 -8.96
C SER C 80 63.96 11.83 -8.26
N LYS C 81 64.04 11.16 -7.12
CA LYS C 81 62.84 10.76 -6.39
C LYS C 81 62.97 11.05 -4.90
N LEU C 82 61.89 11.55 -4.33
CA LEU C 82 61.81 11.87 -2.90
C LEU C 82 61.57 10.57 -2.13
N TRP C 83 62.57 10.12 -1.37
CA TRP C 83 62.42 8.88 -0.62
C TRP C 83 61.31 8.98 0.43
N ASN C 84 60.87 7.82 0.92
CA ASN C 84 59.78 7.74 1.89
C ASN C 84 59.93 8.40 3.27
N ASN C 85 61.15 8.65 3.72
CA ASN C 85 61.32 9.26 5.05
C ASN C 85 61.17 10.77 4.99
N TYR C 86 61.02 11.30 3.78
CA TYR C 86 60.92 12.74 3.59
C TYR C 86 59.59 13.28 3.07
N HIS C 87 58.46 12.67 3.45
CA HIS C 87 57.17 13.15 2.98
C HIS C 87 56.63 14.35 3.76
N ASP C 88 57.02 14.46 5.01
CA ASP C 88 56.58 15.57 5.86
C ASP C 88 57.04 16.86 5.17
N PRO C 89 56.11 17.79 4.89
CA PRO C 89 56.47 19.06 4.22
C PRO C 89 57.72 19.74 4.75
N LYS C 90 57.93 19.72 6.07
CA LYS C 90 59.10 20.37 6.64
C LYS C 90 60.42 19.68 6.33
N ASN C 91 60.38 18.53 5.66
CA ASN C 91 61.61 17.83 5.33
C ASN C 91 61.76 17.64 3.83
N VAL C 92 60.69 17.91 3.08
CA VAL C 92 60.75 17.76 1.64
C VAL C 92 61.89 18.58 1.03
N GLU C 93 62.00 19.85 1.43
CA GLU C 93 63.06 20.68 0.88
C GLU C 93 64.45 20.19 1.31
N THR C 94 64.55 19.72 2.55
CA THR C 94 65.81 19.21 3.07
C THR C 94 66.34 18.10 2.16
N ALA C 95 65.44 17.20 1.76
CA ALA C 95 65.81 16.09 0.91
C ALA C 95 66.21 16.58 -0.48
N LEU C 96 65.39 17.48 -1.06
CA LEU C 96 65.69 17.99 -2.39
C LEU C 96 67.02 18.72 -2.39
N ASN C 97 67.31 19.46 -1.33
CA ASN C 97 68.56 20.19 -1.24
C ASN C 97 69.74 19.24 -1.23
N LYS C 98 69.55 18.09 -0.60
CA LYS C 98 70.59 17.07 -0.54
C LYS C 98 70.79 16.53 -1.96
N THR C 99 69.69 16.23 -2.65
CA THR C 99 69.76 15.74 -4.03
C THR C 99 70.45 16.77 -4.92
N LEU C 100 70.03 18.03 -4.81
CA LEU C 100 70.60 19.11 -5.62
C LEU C 100 72.09 19.27 -5.35
N ALA C 101 72.49 19.20 -4.09
CA ALA C 101 73.89 19.30 -3.72
C ALA C 101 74.67 18.13 -4.29
N ASP C 102 74.17 16.91 -4.08
CA ASP C 102 74.86 15.73 -4.60
C ASP C 102 74.99 15.80 -6.12
N LEU C 103 73.89 16.11 -6.82
CA LEU C 103 73.95 16.20 -8.28
C LEU C 103 74.72 17.42 -8.75
N LYS C 104 74.95 18.36 -7.84
CA LYS C 104 75.66 19.58 -8.18
C LYS C 104 74.93 20.36 -9.27
N VAL C 105 73.66 20.65 -9.02
CA VAL C 105 72.83 21.40 -9.96
C VAL C 105 71.90 22.32 -9.19
N ASP C 106 71.33 23.31 -9.88
CA ASP C 106 70.41 24.26 -9.26
C ASP C 106 68.99 23.72 -9.23
N TYR C 107 68.71 22.76 -10.08
CA TYR C 107 67.37 22.20 -10.16
C TYR C 107 67.41 20.82 -10.81
N VAL C 108 66.35 20.04 -10.62
CA VAL C 108 66.22 18.74 -11.25
C VAL C 108 65.08 18.89 -12.25
N ASP C 109 65.15 18.19 -13.37
CA ASP C 109 64.10 18.31 -14.37
C ASP C 109 62.79 17.65 -13.95
N LEU C 110 62.90 16.58 -13.17
CA LEU C 110 61.73 15.85 -12.72
C LEU C 110 61.96 15.29 -11.33
N PHE C 111 61.04 15.60 -10.41
CA PHE C 111 61.17 15.10 -9.05
C PHE C 111 59.90 14.33 -8.74
N LEU C 112 60.05 13.04 -8.43
CA LEU C 112 58.91 12.18 -8.16
C LEU C 112 58.78 11.72 -6.71
N ILE C 113 57.54 11.52 -6.28
CA ILE C 113 57.31 10.96 -4.96
C ILE C 113 57.62 9.49 -5.28
N HIS C 114 58.71 8.98 -4.71
CA HIS C 114 59.13 7.61 -5.00
C HIS C 114 58.07 6.56 -4.70
N PHE C 115 57.43 6.67 -3.55
CA PHE C 115 56.38 5.74 -3.14
C PHE C 115 55.28 6.46 -2.35
N PRO C 116 54.02 6.01 -2.48
CA PRO C 116 52.97 6.68 -1.70
C PRO C 116 53.03 6.09 -0.30
N ILE C 117 54.22 6.15 0.29
CA ILE C 117 54.49 5.62 1.62
C ILE C 117 55.30 6.65 2.38
N ALA C 118 54.93 6.93 3.62
CA ALA C 118 55.65 7.91 4.41
C ALA C 118 56.32 7.31 5.65
N PHE C 119 57.63 7.07 5.56
CA PHE C 119 58.38 6.52 6.70
C PHE C 119 58.65 7.63 7.71
N LYS C 120 58.92 7.24 8.96
CA LYS C 120 59.25 8.19 10.02
C LYS C 120 60.50 8.92 9.56
N PHE C 121 60.57 10.23 9.79
CA PHE C 121 61.73 10.99 9.37
C PHE C 121 63.02 10.57 10.10
N VAL C 122 64.12 10.53 9.34
CA VAL C 122 65.43 10.18 9.85
C VAL C 122 66.36 11.25 9.29
N PRO C 123 67.05 12.00 10.17
CA PRO C 123 67.96 13.05 9.71
C PRO C 123 68.96 12.49 8.70
N ILE C 124 69.35 13.32 7.73
CA ILE C 124 70.30 12.91 6.71
C ILE C 124 71.64 12.57 7.35
N GLU C 125 72.01 13.35 8.37
CA GLU C 125 73.27 13.15 9.09
C GLU C 125 73.23 11.82 9.84
N GLU C 126 72.04 11.32 10.14
CA GLU C 126 71.90 10.07 10.87
C GLU C 126 72.21 8.87 9.97
N LYS C 127 71.60 8.83 8.80
CA LYS C 127 71.83 7.74 7.84
C LYS C 127 71.35 8.15 6.46
N TYR C 128 72.21 7.98 5.45
CA TYR C 128 71.82 8.34 4.10
C TYR C 128 72.51 7.52 3.01
N PRO C 129 71.71 6.93 2.10
CA PRO C 129 70.25 7.03 2.14
C PRO C 129 69.73 6.07 3.22
N PRO C 130 68.60 6.42 3.87
CA PRO C 130 68.02 5.59 4.95
C PRO C 130 67.48 4.21 4.58
N GLY C 131 67.03 4.03 3.34
CA GLY C 131 66.49 2.75 2.97
C GLY C 131 65.27 2.46 3.83
N PHE C 132 65.17 1.25 4.37
CA PHE C 132 64.03 0.91 5.20
C PHE C 132 64.22 1.31 6.66
N TYR C 133 65.31 1.98 6.99
CA TYR C 133 65.54 2.39 8.36
C TYR C 133 64.57 3.51 8.70
N CYS C 134 63.86 3.37 9.83
CA CYS C 134 62.91 4.38 10.24
C CYS C 134 63.21 4.96 11.62
N GLY C 135 64.48 4.99 12.00
CA GLY C 135 64.86 5.55 13.27
C GLY C 135 64.57 4.74 14.52
N ASP C 136 64.32 3.45 14.39
CA ASP C 136 64.05 2.60 15.55
C ASP C 136 64.37 1.15 15.29
N GLY C 137 65.66 0.80 15.35
CA GLY C 137 66.07 -0.57 15.09
C GLY C 137 65.61 -0.98 13.71
N ASN C 138 65.11 -2.20 13.56
CA ASN C 138 64.66 -2.65 12.27
C ASN C 138 63.14 -2.52 12.11
N ASN C 139 62.50 -1.81 13.04
CA ASN C 139 61.07 -1.64 12.95
C ASN C 139 60.71 -0.57 11.94
N PHE C 140 59.58 -0.78 11.25
CA PHE C 140 59.10 0.20 10.30
C PHE C 140 58.23 1.15 11.10
N VAL C 141 58.42 2.45 10.89
CA VAL C 141 57.61 3.44 11.60
C VAL C 141 57.16 4.43 10.53
N TYR C 142 55.91 4.87 10.62
CA TYR C 142 55.35 5.79 9.63
C TYR C 142 54.87 7.11 10.21
N GLU C 143 54.62 8.08 9.34
CA GLU C 143 54.13 9.41 9.75
C GLU C 143 52.79 9.69 9.08
N ASP C 144 51.95 10.47 9.75
CA ASP C 144 50.64 10.82 9.21
C ASP C 144 50.75 11.96 8.21
N VAL C 145 51.37 11.72 7.06
CA VAL C 145 51.48 12.79 6.08
C VAL C 145 50.74 12.45 4.79
N PRO C 146 49.54 13.01 4.61
CA PRO C 146 48.75 12.77 3.40
C PRO C 146 49.56 13.13 2.15
N ILE C 147 49.36 12.36 1.08
CA ILE C 147 50.04 12.61 -0.19
C ILE C 147 49.98 14.08 -0.60
N LEU C 148 48.79 14.68 -0.52
CA LEU C 148 48.60 16.07 -0.92
C LEU C 148 49.49 17.07 -0.16
N GLU C 149 49.74 16.82 1.13
CA GLU C 149 50.63 17.71 1.89
C GLU C 149 52.01 17.69 1.24
N THR C 150 52.52 16.49 0.98
CA THR C 150 53.82 16.35 0.34
C THR C 150 53.77 17.01 -1.03
N TRP C 151 52.68 16.81 -1.74
CA TRP C 151 52.56 17.39 -3.07
C TRP C 151 52.59 18.92 -3.03
N LYS C 152 51.89 19.53 -2.09
CA LYS C 152 51.90 20.99 -1.98
C LYS C 152 53.32 21.49 -1.75
N ALA C 153 54.09 20.74 -0.96
CA ALA C 153 55.48 21.09 -0.68
C ALA C 153 56.28 21.06 -1.98
N LEU C 154 55.98 20.08 -2.83
CA LEU C 154 56.69 19.95 -4.10
C LEU C 154 56.28 21.08 -5.04
N GLU C 155 55.03 21.51 -4.97
CA GLU C 155 54.56 22.60 -5.82
C GLU C 155 55.32 23.86 -5.43
N LYS C 156 55.51 24.07 -4.13
CA LYS C 156 56.23 25.24 -3.66
C LYS C 156 57.68 25.22 -4.14
N LEU C 157 58.27 24.03 -4.21
CA LEU C 157 59.65 23.92 -4.66
C LEU C 157 59.75 24.15 -6.16
N VAL C 158 58.65 23.91 -6.89
CA VAL C 158 58.66 24.17 -8.33
C VAL C 158 58.68 25.70 -8.48
N ALA C 159 57.95 26.37 -7.59
CA ALA C 159 57.87 27.83 -7.62
C ALA C 159 59.22 28.43 -7.19
N ALA C 160 59.95 27.70 -6.36
CA ALA C 160 61.26 28.15 -5.88
C ALA C 160 62.30 27.91 -6.97
N GLY C 161 61.84 27.42 -8.11
CA GLY C 161 62.74 27.17 -9.23
C GLY C 161 63.68 25.99 -9.09
N LYS C 162 63.44 25.14 -8.09
CA LYS C 162 64.30 23.99 -7.88
C LYS C 162 63.85 22.74 -8.61
N ILE C 163 62.66 22.77 -9.20
CA ILE C 163 62.17 21.61 -9.91
C ILE C 163 61.43 22.07 -11.16
N LYS C 164 61.74 21.48 -12.31
CA LYS C 164 61.07 21.85 -13.54
C LYS C 164 59.70 21.21 -13.58
N SER C 165 59.65 19.90 -13.35
CA SER C 165 58.38 19.19 -13.37
C SER C 165 58.31 18.18 -12.26
N ILE C 166 57.11 17.95 -11.74
CA ILE C 166 56.92 16.98 -10.67
C ILE C 166 55.94 15.88 -11.08
N GLY C 167 56.14 14.70 -10.49
CA GLY C 167 55.28 13.58 -10.80
C GLY C 167 55.25 12.57 -9.67
N VAL C 168 54.70 11.40 -9.95
CA VAL C 168 54.60 10.36 -8.95
C VAL C 168 55.06 9.01 -9.49
N SER C 169 55.41 8.13 -8.57
CA SER C 169 55.86 6.78 -8.91
C SER C 169 55.15 5.78 -8.01
N ASN C 170 54.80 4.63 -8.58
CA ASN C 170 54.13 3.57 -7.84
C ASN C 170 52.80 3.97 -7.21
N PHE C 171 52.05 4.80 -7.92
CA PHE C 171 50.74 5.27 -7.50
C PHE C 171 49.66 4.48 -8.23
N PRO C 172 48.73 3.84 -7.50
CA PRO C 172 47.67 3.10 -8.20
C PRO C 172 46.64 4.12 -8.71
N GLY C 173 45.70 3.66 -9.53
CA GLY C 173 44.70 4.55 -10.09
C GLY C 173 43.88 5.41 -9.15
N ALA C 174 43.34 4.83 -8.10
CA ALA C 174 42.51 5.60 -7.16
C ALA C 174 43.28 6.71 -6.48
N LEU C 175 44.54 6.43 -6.15
CA LEU C 175 45.40 7.40 -5.48
C LEU C 175 45.74 8.55 -6.40
N LEU C 176 46.06 8.23 -7.65
CA LEU C 176 46.39 9.24 -8.65
C LEU C 176 45.17 10.13 -8.89
N LEU C 177 44.00 9.50 -8.96
CA LEU C 177 42.77 10.26 -9.19
C LEU C 177 42.54 11.29 -8.10
N ASP C 178 42.66 10.88 -6.85
CA ASP C 178 42.45 11.79 -5.72
C ASP C 178 43.46 12.94 -5.74
N LEU C 179 44.71 12.64 -6.05
CA LEU C 179 45.73 13.67 -6.12
C LEU C 179 45.37 14.69 -7.21
N LEU C 180 44.85 14.21 -8.34
CA LEU C 180 44.46 15.10 -9.43
C LEU C 180 43.41 16.11 -8.98
N ARG C 181 42.58 15.73 -8.02
CA ARG C 181 41.54 16.59 -7.50
C ARG C 181 42.10 17.72 -6.66
N GLY C 182 43.20 17.45 -5.95
CA GLY C 182 43.80 18.46 -5.09
C GLY C 182 45.03 19.17 -5.63
N ALA C 183 45.59 18.66 -6.72
CA ALA C 183 46.79 19.28 -7.30
C ALA C 183 46.55 20.58 -8.06
N THR C 184 47.44 21.54 -7.87
CA THR C 184 47.37 22.81 -8.59
C THR C 184 48.22 22.54 -9.83
N ILE C 185 49.38 21.93 -9.61
CA ILE C 185 50.28 21.54 -10.69
C ILE C 185 50.00 20.05 -10.82
N LYS C 186 49.45 19.64 -11.96
CA LYS C 186 49.13 18.23 -12.15
C LYS C 186 50.39 17.39 -12.27
N PRO C 187 50.41 16.21 -11.64
CA PRO C 187 51.60 15.36 -11.76
C PRO C 187 51.83 15.07 -13.24
N ALA C 188 53.01 15.47 -13.74
CA ALA C 188 53.34 15.31 -15.15
C ALA C 188 53.73 13.89 -15.53
N VAL C 189 54.19 13.11 -14.57
CA VAL C 189 54.61 11.76 -14.85
C VAL C 189 54.12 10.72 -13.85
N LEU C 190 53.99 9.49 -14.32
CA LEU C 190 53.60 8.36 -13.49
C LEU C 190 54.62 7.28 -13.83
N GLN C 191 55.55 7.03 -12.90
CA GLN C 191 56.55 6.01 -13.13
C GLN C 191 56.17 4.75 -12.37
N VAL C 192 55.80 3.71 -13.13
CA VAL C 192 55.40 2.45 -12.53
C VAL C 192 56.06 1.24 -13.20
N GLU C 193 56.00 0.10 -12.53
CA GLU C 193 56.55 -1.12 -13.07
C GLU C 193 55.67 -1.43 -14.28
N HIS C 194 56.29 -1.71 -15.42
CA HIS C 194 55.52 -1.97 -16.63
C HIS C 194 56.26 -2.92 -17.59
N HIS C 195 55.70 -4.11 -17.77
CA HIS C 195 56.25 -5.14 -18.64
C HIS C 195 55.14 -6.11 -19.00
N PRO C 196 55.33 -6.95 -20.03
CA PRO C 196 54.31 -7.91 -20.44
C PRO C 196 53.62 -8.72 -19.33
N TYR C 197 54.29 -8.93 -18.20
CA TYR C 197 53.67 -9.69 -17.12
C TYR C 197 52.80 -8.83 -16.20
N LEU C 198 52.98 -7.52 -16.26
CA LEU C 198 52.22 -6.57 -15.43
C LEU C 198 51.92 -5.37 -16.33
N GLN C 199 50.92 -5.53 -17.19
CA GLN C 199 50.57 -4.50 -18.16
C GLN C 199 49.65 -3.37 -17.68
N GLN C 200 48.83 -3.65 -16.68
CA GLN C 200 47.90 -2.66 -16.11
C GLN C 200 47.35 -1.71 -17.18
N PRO C 201 46.81 -2.26 -18.27
CA PRO C 201 46.26 -1.46 -19.37
C PRO C 201 45.29 -0.35 -18.97
N LYS C 202 44.41 -0.61 -18.01
CA LYS C 202 43.45 0.42 -17.59
C LYS C 202 44.13 1.58 -16.86
N LEU C 203 45.17 1.30 -16.08
CA LEU C 203 45.87 2.37 -15.37
C LEU C 203 46.57 3.25 -16.42
N ILE C 204 47.22 2.62 -17.38
CA ILE C 204 47.92 3.34 -18.45
C ILE C 204 46.95 4.21 -19.24
N GLU C 205 45.83 3.62 -19.65
CA GLU C 205 44.82 4.34 -20.41
C GLU C 205 44.27 5.52 -19.63
N PHE C 206 44.01 5.34 -18.34
CA PHE C 206 43.49 6.44 -17.56
C PHE C 206 44.50 7.57 -17.44
N ALA C 207 45.73 7.23 -17.06
CA ALA C 207 46.77 8.25 -16.92
C ALA C 207 47.03 9.01 -18.21
N GLN C 208 47.22 8.29 -19.32
CA GLN C 208 47.48 8.96 -20.59
C GLN C 208 46.34 9.89 -20.96
N LYS C 209 45.11 9.41 -20.82
CA LYS C 209 43.96 10.24 -21.15
C LYS C 209 43.89 11.48 -20.25
N ALA C 210 44.49 11.40 -19.06
CA ALA C 210 44.48 12.54 -18.15
C ALA C 210 45.66 13.48 -18.44
N GLY C 211 46.46 13.10 -19.44
CA GLY C 211 47.59 13.92 -19.81
C GLY C 211 48.86 13.61 -19.04
N VAL C 212 48.82 12.57 -18.21
CA VAL C 212 49.99 12.19 -17.43
C VAL C 212 50.85 11.29 -18.31
N THR C 213 52.16 11.54 -18.33
CA THR C 213 53.06 10.74 -19.15
C THR C 213 53.55 9.53 -18.36
N ILE C 214 53.58 8.39 -19.02
CA ILE C 214 54.01 7.16 -18.38
C ILE C 214 55.49 6.80 -18.58
N THR C 215 56.19 6.54 -17.48
CA THR C 215 57.58 6.09 -17.56
C THR C 215 57.56 4.69 -16.96
N ALA C 216 57.97 3.71 -17.77
CA ALA C 216 58.00 2.33 -17.35
C ALA C 216 59.36 1.96 -16.81
N TYR C 217 59.37 1.04 -15.83
CA TYR C 217 60.62 0.55 -15.28
C TYR C 217 60.48 -0.96 -15.17
N SER C 218 61.62 -1.66 -15.20
CA SER C 218 61.65 -3.11 -15.18
C SER C 218 61.00 -3.59 -16.47
N SER C 219 61.31 -2.90 -17.56
CA SER C 219 60.75 -3.25 -18.87
C SER C 219 61.05 -4.69 -19.26
N PHE C 220 62.11 -5.26 -18.71
CA PHE C 220 62.46 -6.65 -19.01
C PHE C 220 61.86 -7.62 -18.03
N GLY C 221 60.96 -7.13 -17.17
CA GLY C 221 60.31 -8.00 -16.22
C GLY C 221 61.24 -8.64 -15.21
N PRO C 222 61.23 -9.97 -15.07
CA PRO C 222 62.10 -10.63 -14.11
C PRO C 222 63.58 -10.54 -14.47
N GLN C 223 63.86 -10.31 -15.76
CA GLN C 223 65.24 -10.18 -16.22
C GLN C 223 65.77 -8.81 -15.88
N SER C 224 64.89 -7.94 -15.41
CA SER C 224 65.28 -6.58 -15.06
C SER C 224 66.20 -6.45 -13.87
N PHE C 225 65.88 -7.12 -12.78
CA PHE C 225 66.70 -7.04 -11.57
C PHE C 225 65.78 -6.80 -10.44
N VAL C 226 65.58 -7.85 -9.64
CA VAL C 226 64.73 -7.74 -8.47
C VAL C 226 65.64 -7.85 -7.26
N GLU C 227 65.48 -6.92 -6.33
CA GLU C 227 66.30 -6.95 -5.14
C GLU C 227 65.52 -7.51 -3.95
N MET C 228 64.29 -7.06 -3.79
CA MET C 228 63.46 -7.51 -2.67
C MET C 228 63.18 -9.01 -2.70
N ASN C 229 62.17 -9.41 -3.47
CA ASN C 229 61.83 -10.83 -3.56
C ASN C 229 62.40 -11.48 -4.82
N GLN C 230 63.72 -11.62 -4.81
CA GLN C 230 64.46 -12.23 -5.89
C GLN C 230 63.85 -13.56 -6.31
N GLY C 231 63.48 -14.37 -5.32
CA GLY C 231 62.89 -15.66 -5.62
C GLY C 231 61.73 -15.60 -6.59
N ARG C 232 60.86 -14.61 -6.41
CA ARG C 232 59.70 -14.45 -7.29
C ARG C 232 60.14 -14.31 -8.75
N ALA C 233 61.16 -13.48 -8.97
CA ALA C 233 61.69 -13.25 -10.32
C ALA C 233 62.46 -14.46 -10.84
N LEU C 234 63.34 -15.00 -10.00
CA LEU C 234 64.14 -16.16 -10.39
C LEU C 234 63.24 -17.31 -10.82
N ASN C 235 62.08 -17.42 -10.20
CA ASN C 235 61.14 -18.49 -10.49
C ASN C 235 60.15 -18.17 -11.62
N THR C 236 60.39 -17.09 -12.35
CA THR C 236 59.49 -16.71 -13.42
C THR C 236 60.12 -16.95 -14.78
N PRO C 237 59.37 -17.60 -15.69
CA PRO C 237 59.86 -17.88 -17.05
C PRO C 237 60.32 -16.57 -17.68
N THR C 238 61.55 -16.55 -18.20
CA THR C 238 62.11 -15.35 -18.80
C THR C 238 61.36 -14.81 -20.02
N LEU C 239 61.33 -13.48 -20.11
CA LEU C 239 60.68 -12.83 -21.24
C LEU C 239 61.57 -12.94 -22.47
N PHE C 240 62.87 -13.11 -22.23
CA PHE C 240 63.84 -13.22 -23.31
C PHE C 240 63.70 -14.55 -24.05
N ALA C 241 63.13 -15.55 -23.38
CA ALA C 241 62.95 -16.86 -23.99
C ALA C 241 61.48 -17.22 -24.14
N HIS C 242 60.60 -16.24 -23.94
CA HIS C 242 59.18 -16.50 -24.06
C HIS C 242 58.82 -16.65 -25.55
N ASP C 243 58.14 -17.74 -25.89
CA ASP C 243 57.75 -18.01 -27.26
C ASP C 243 57.15 -16.83 -28.02
N THR C 244 56.24 -16.10 -27.38
CA THR C 244 55.61 -14.97 -28.03
C THR C 244 56.62 -13.87 -28.33
N ILE C 245 57.57 -13.67 -27.43
CA ILE C 245 58.59 -12.64 -27.62
C ILE C 245 59.61 -13.05 -28.68
N LYS C 246 60.10 -14.29 -28.59
CA LYS C 246 61.07 -14.78 -29.57
C LYS C 246 60.46 -14.69 -30.95
N ALA C 247 59.26 -15.25 -31.09
CA ALA C 247 58.54 -15.25 -32.35
C ALA C 247 58.59 -13.86 -32.98
N ILE C 248 58.13 -12.87 -32.22
CA ILE C 248 58.11 -11.50 -32.73
C ILE C 248 59.52 -11.00 -33.00
N ALA C 249 60.46 -11.34 -32.13
CA ALA C 249 61.84 -10.90 -32.29
C ALA C 249 62.46 -11.44 -33.58
N ALA C 250 62.12 -12.68 -33.92
CA ALA C 250 62.64 -13.32 -35.14
C ALA C 250 61.92 -12.75 -36.36
N LYS C 251 60.64 -12.50 -36.19
CA LYS C 251 59.81 -11.95 -37.25
C LYS C 251 60.29 -10.60 -37.74
N TYR C 252 61.11 -9.92 -36.94
CA TYR C 252 61.63 -8.61 -37.29
C TYR C 252 63.14 -8.56 -37.26
N ASN C 253 63.75 -9.67 -36.87
CA ASN C 253 65.21 -9.77 -36.77
C ASN C 253 65.73 -8.77 -35.73
N LYS C 254 65.09 -8.77 -34.57
CA LYS C 254 65.49 -7.90 -33.48
C LYS C 254 65.73 -8.76 -32.25
N THR C 255 66.34 -8.19 -31.22
CA THR C 255 66.60 -8.95 -30.00
C THR C 255 65.38 -8.89 -29.09
N PRO C 256 65.19 -9.92 -28.26
CA PRO C 256 64.03 -9.94 -27.34
C PRO C 256 63.94 -8.62 -26.57
N ALA C 257 65.11 -8.13 -26.14
CA ALA C 257 65.18 -6.87 -25.40
C ALA C 257 64.59 -5.73 -26.23
N GLU C 258 64.93 -5.70 -27.52
CA GLU C 258 64.44 -4.66 -28.42
C GLU C 258 62.92 -4.66 -28.54
N VAL C 259 62.31 -5.84 -28.55
CA VAL C 259 60.86 -5.94 -28.67
C VAL C 259 60.17 -5.50 -27.40
N LEU C 260 60.75 -5.84 -26.26
CA LEU C 260 60.16 -5.47 -24.98
C LEU C 260 60.11 -3.95 -24.84
N LEU C 261 61.17 -3.28 -25.28
CA LEU C 261 61.25 -1.82 -25.20
C LEU C 261 60.36 -1.14 -26.23
N ARG C 262 60.38 -1.64 -27.47
CA ARG C 262 59.56 -1.05 -28.52
C ARG C 262 58.08 -1.17 -28.15
N TRP C 263 57.74 -2.29 -27.52
CA TRP C 263 56.36 -2.54 -27.08
C TRP C 263 55.84 -1.38 -26.23
N ALA C 264 56.73 -0.79 -25.44
CA ALA C 264 56.35 0.33 -24.59
C ALA C 264 56.44 1.65 -25.36
N ALA C 265 57.57 1.88 -26.01
CA ALA C 265 57.78 3.12 -26.76
C ALA C 265 56.71 3.36 -27.80
N GLN C 266 56.33 2.33 -28.54
CA GLN C 266 55.33 2.50 -29.59
C GLN C 266 53.99 2.90 -29.01
N ARG C 267 53.82 2.78 -27.71
CA ARG C 267 52.55 3.16 -27.10
C ARG C 267 52.63 4.50 -26.38
N GLY C 268 53.74 5.21 -26.58
CA GLY C 268 53.90 6.51 -25.97
C GLY C 268 54.45 6.45 -24.54
N ILE C 269 54.98 5.29 -24.17
CA ILE C 269 55.53 5.13 -22.84
C ILE C 269 57.05 5.29 -22.84
N ALA C 270 57.54 6.17 -21.96
CA ALA C 270 58.96 6.41 -21.84
C ALA C 270 59.62 5.21 -21.19
N VAL C 271 60.86 4.92 -21.59
CA VAL C 271 61.58 3.79 -21.01
C VAL C 271 62.92 4.25 -20.45
N ILE C 272 63.51 3.45 -19.57
CA ILE C 272 64.77 3.82 -18.95
C ILE C 272 65.68 2.64 -18.65
N PRO C 273 66.01 1.82 -19.66
CA PRO C 273 66.88 0.66 -19.47
C PRO C 273 68.26 0.99 -18.89
N ARG C 274 68.87 -0.01 -18.25
CA ARG C 274 70.19 0.11 -17.63
C ARG C 274 71.07 -1.06 -18.03
N SER C 275 72.27 -0.77 -18.55
CA SER C 275 73.20 -1.81 -18.93
C SER C 275 74.65 -1.43 -18.69
N ASN C 276 75.39 -2.35 -18.07
CA ASN C 276 76.80 -2.12 -17.78
C ASN C 276 77.64 -2.44 -19.02
N LEU C 277 76.97 -2.97 -20.05
CA LEU C 277 77.65 -3.34 -21.28
C LEU C 277 77.39 -2.35 -22.41
N PRO C 278 78.45 -1.81 -23.03
CA PRO C 278 78.38 -0.85 -24.13
C PRO C 278 77.50 -1.30 -25.30
N GLU C 279 77.62 -2.56 -25.69
CA GLU C 279 76.84 -3.09 -26.81
C GLU C 279 75.34 -2.89 -26.55
N ARG C 280 74.92 -3.23 -25.34
CA ARG C 280 73.52 -3.10 -24.96
C ARG C 280 73.16 -1.63 -24.76
N LEU C 281 74.10 -0.87 -24.22
CA LEU C 281 73.89 0.56 -23.99
C LEU C 281 73.42 1.19 -25.31
N VAL C 282 74.14 0.90 -26.38
CA VAL C 282 73.80 1.42 -27.70
C VAL C 282 72.48 0.83 -28.19
N GLN C 283 72.37 -0.49 -28.09
CA GLN C 283 71.16 -1.18 -28.51
C GLN C 283 69.92 -0.70 -27.76
N ASN C 284 70.08 -0.41 -26.46
CA ASN C 284 68.95 0.05 -25.67
C ASN C 284 68.38 1.41 -26.06
N ARG C 285 69.06 2.13 -26.94
CA ARG C 285 68.53 3.43 -27.35
C ARG C 285 68.32 3.51 -28.86
N SER C 286 68.51 2.39 -29.56
CA SER C 286 68.38 2.36 -31.01
C SER C 286 67.34 1.34 -31.47
N PHE C 287 66.33 1.10 -30.65
CA PHE C 287 65.33 0.09 -30.95
C PHE C 287 64.10 0.51 -31.76
N ASN C 288 63.89 1.81 -31.96
CA ASN C 288 62.73 2.24 -32.72
C ASN C 288 63.02 2.15 -34.21
N THR C 289 63.17 0.92 -34.69
CA THR C 289 63.47 0.68 -36.10
C THR C 289 62.47 -0.27 -36.74
N PHE C 290 61.33 -0.48 -36.08
CA PHE C 290 60.31 -1.36 -36.62
C PHE C 290 58.99 -1.09 -35.89
N ASP C 291 57.89 -1.58 -36.45
CA ASP C 291 56.60 -1.37 -35.83
C ASP C 291 55.88 -2.68 -35.53
N LEU C 292 55.37 -2.80 -34.31
CA LEU C 292 54.62 -3.99 -33.92
C LEU C 292 53.25 -3.80 -34.55
N THR C 293 52.62 -4.89 -34.97
CA THR C 293 51.30 -4.81 -35.59
C THR C 293 50.23 -5.04 -34.55
N LYS C 294 48.98 -4.75 -34.90
CA LYS C 294 47.88 -4.95 -33.98
C LYS C 294 47.96 -6.38 -33.44
N GLU C 295 48.21 -7.34 -34.34
CA GLU C 295 48.30 -8.73 -33.94
C GLU C 295 49.49 -8.98 -33.00
N ASP C 296 50.56 -8.22 -33.15
CA ASP C 296 51.72 -8.39 -32.26
C ASP C 296 51.31 -7.97 -30.85
N PHE C 297 50.63 -6.83 -30.76
CA PHE C 297 50.17 -6.31 -29.48
C PHE C 297 49.17 -7.25 -28.85
N GLU C 298 48.30 -7.83 -29.67
CA GLU C 298 47.29 -8.74 -29.17
C GLU C 298 47.97 -9.97 -28.59
N GLU C 299 49.02 -10.44 -29.25
CA GLU C 299 49.73 -11.61 -28.77
C GLU C 299 50.48 -11.31 -27.47
N ILE C 300 51.10 -10.15 -27.39
CA ILE C 300 51.83 -9.78 -26.21
C ILE C 300 50.87 -9.51 -25.05
N ALA C 301 49.70 -8.96 -25.37
CA ALA C 301 48.69 -8.65 -24.37
C ALA C 301 48.26 -9.89 -23.59
N LYS C 302 48.42 -11.06 -24.21
CA LYS C 302 48.04 -12.31 -23.58
C LYS C 302 48.92 -12.68 -22.40
N LEU C 303 50.10 -12.08 -22.30
CA LEU C 303 51.02 -12.41 -21.21
C LEU C 303 50.67 -11.76 -19.88
N ASP C 304 49.82 -10.75 -19.93
CA ASP C 304 49.45 -10.05 -18.70
C ASP C 304 48.90 -11.01 -17.65
N ILE C 305 49.58 -11.10 -16.52
CA ILE C 305 49.13 -11.96 -15.43
C ILE C 305 49.19 -11.21 -14.10
N GLY C 306 49.44 -9.91 -14.18
CA GLY C 306 49.51 -9.11 -12.97
C GLY C 306 50.60 -9.55 -12.01
N LEU C 307 51.75 -9.93 -12.56
CA LEU C 307 52.88 -10.36 -11.75
C LEU C 307 53.73 -9.12 -11.51
N ARG C 308 53.85 -8.75 -10.24
CA ARG C 308 54.57 -7.55 -9.81
C ARG C 308 55.81 -7.90 -9.00
N PHE C 309 56.95 -7.34 -9.39
CA PHE C 309 58.21 -7.63 -8.68
C PHE C 309 58.57 -6.61 -7.61
N ASN C 310 58.15 -5.36 -7.78
CA ASN C 310 58.43 -4.30 -6.81
C ASN C 310 57.14 -4.02 -6.01
N ASP C 311 56.93 -4.77 -4.94
CA ASP C 311 55.73 -4.64 -4.12
C ASP C 311 56.01 -4.33 -2.65
N PRO C 312 55.59 -3.15 -2.18
CA PRO C 312 55.81 -2.77 -0.77
C PRO C 312 55.15 -3.76 0.18
N TRP C 313 54.29 -4.62 -0.36
CA TRP C 313 53.64 -5.62 0.49
C TRP C 313 54.70 -6.56 1.05
N ASP C 314 55.78 -6.75 0.28
CA ASP C 314 56.87 -7.63 0.72
C ASP C 314 57.68 -6.98 1.84
N TRP C 315 57.71 -5.65 1.88
CA TRP C 315 58.49 -4.95 2.91
C TRP C 315 57.88 -5.10 4.28
N ASP C 316 56.65 -4.63 4.42
CA ASP C 316 55.97 -4.66 5.70
C ASP C 316 54.45 -4.67 5.52
N ASN C 317 53.97 -5.47 4.57
CA ASN C 317 52.55 -5.58 4.30
C ASN C 317 51.92 -4.21 4.10
N ILE C 318 52.58 -3.36 3.33
CA ILE C 318 52.08 -2.02 3.03
C ILE C 318 51.09 -2.23 1.84
N PRO C 319 49.80 -1.88 2.02
CA PRO C 319 48.68 -2.00 1.09
C PRO C 319 48.63 -1.13 -0.16
N ILE C 320 49.78 -0.76 -0.69
CA ILE C 320 49.80 0.09 -1.88
C ILE C 320 49.08 -0.49 -3.09
N PHE C 321 49.35 -1.76 -3.39
CA PHE C 321 48.75 -2.40 -4.56
C PHE C 321 47.64 -3.40 -4.28
N VAL C 322 46.84 -3.10 -3.28
CA VAL C 322 45.72 -3.95 -2.94
C VAL C 322 44.50 -3.08 -2.66
N SER D 4 21.29 -13.02 19.72
CA SER D 4 21.93 -14.16 18.98
C SER D 4 22.93 -13.63 17.94
N ILE D 5 22.69 -12.41 17.45
CA ILE D 5 23.55 -11.78 16.47
C ILE D 5 24.70 -11.05 17.16
N PRO D 6 25.94 -11.53 16.96
CA PRO D 6 27.12 -10.91 17.58
C PRO D 6 27.32 -9.44 17.22
N ASP D 7 27.79 -8.66 18.19
CA ASP D 7 28.08 -7.25 17.95
C ASP D 7 29.57 -7.12 17.72
N ILE D 8 29.96 -6.09 17.00
CA ILE D 8 31.36 -5.82 16.72
C ILE D 8 31.67 -4.47 17.33
N LYS D 9 32.82 -4.37 18.02
CA LYS D 9 33.22 -3.09 18.61
C LYS D 9 33.88 -2.26 17.53
N LEU D 10 33.31 -1.10 17.23
CA LEU D 10 33.91 -0.23 16.22
C LEU D 10 34.94 0.69 16.89
N SER D 11 35.94 1.11 16.11
CA SER D 11 36.99 2.00 16.60
C SER D 11 36.41 3.32 17.14
N SER D 12 35.17 3.62 16.76
CA SER D 12 34.50 4.85 17.17
C SER D 12 33.91 4.78 18.58
N GLY D 13 33.94 3.60 19.18
CA GLY D 13 33.41 3.44 20.53
C GLY D 13 31.96 3.00 20.57
N HIS D 14 31.44 2.58 19.42
CA HIS D 14 30.05 2.12 19.30
C HIS D 14 30.02 0.68 18.80
N LEU D 15 28.93 -0.03 19.12
CA LEU D 15 28.75 -1.42 18.69
C LEU D 15 27.97 -1.48 17.37
N MET D 16 28.29 -2.46 16.53
CA MET D 16 27.60 -2.65 15.26
C MET D 16 27.25 -4.12 15.07
N PRO D 17 25.97 -4.42 14.82
CA PRO D 17 25.55 -5.80 14.62
C PRO D 17 26.37 -6.41 13.47
N SER D 18 26.81 -7.66 13.64
CA SER D 18 27.61 -8.34 12.63
C SER D 18 26.79 -8.83 11.44
N ILE D 19 25.47 -8.85 11.60
CA ILE D 19 24.57 -9.29 10.55
C ILE D 19 23.49 -8.22 10.40
N GLY D 20 23.32 -7.73 9.17
CA GLY D 20 22.34 -6.69 8.93
C GLY D 20 21.44 -6.99 7.74
N PHE D 21 20.57 -6.03 7.42
CA PHE D 21 19.61 -6.14 6.33
C PHE D 21 19.95 -5.22 5.14
N GLY D 22 20.31 -5.79 4.00
CA GLY D 22 20.65 -4.98 2.84
C GLY D 22 19.44 -4.29 2.25
N CYS D 23 19.60 -3.03 1.82
CA CYS D 23 18.46 -2.30 1.27
C CYS D 23 18.58 -1.93 -0.20
N TRP D 24 19.61 -2.41 -0.87
CA TRP D 24 19.77 -2.11 -2.29
C TRP D 24 18.73 -2.86 -3.10
N LYS D 25 18.07 -2.14 -4.01
CA LYS D 25 17.04 -2.74 -4.87
C LYS D 25 15.83 -3.19 -4.08
N LEU D 26 15.63 -2.58 -2.93
CA LEU D 26 14.48 -2.87 -2.09
C LEU D 26 13.39 -1.94 -2.61
N ALA D 27 12.44 -2.50 -3.36
CA ALA D 27 11.36 -1.71 -3.94
C ALA D 27 10.64 -0.79 -2.96
N ASN D 28 10.45 0.46 -3.37
CA ASN D 28 9.78 1.48 -2.55
C ASN D 28 8.40 1.09 -2.04
N ALA D 29 7.56 0.57 -2.94
CA ALA D 29 6.19 0.19 -2.60
C ALA D 29 6.08 -0.68 -1.37
N THR D 30 7.02 -1.61 -1.19
CA THR D 30 6.96 -2.51 -0.04
C THR D 30 8.17 -2.47 0.89
N ALA D 31 9.07 -1.52 0.65
CA ALA D 31 10.27 -1.40 1.48
C ALA D 31 9.92 -1.20 2.96
N GLY D 32 8.94 -0.34 3.22
CA GLY D 32 8.53 -0.08 4.59
C GLY D 32 8.08 -1.34 5.30
N GLU D 33 7.23 -2.11 4.63
CA GLU D 33 6.71 -3.35 5.19
C GLU D 33 7.83 -4.38 5.42
N GLN D 34 8.76 -4.45 4.47
CA GLN D 34 9.84 -5.41 4.59
C GLN D 34 10.80 -5.09 5.74
N VAL D 35 11.08 -3.81 5.95
CA VAL D 35 11.98 -3.41 7.03
C VAL D 35 11.32 -3.77 8.35
N TYR D 36 10.02 -3.51 8.43
CA TYR D 36 9.25 -3.81 9.64
C TYR D 36 9.35 -5.31 9.95
N GLN D 37 9.06 -6.14 8.96
CA GLN D 37 9.12 -7.59 9.15
C GLN D 37 10.53 -8.01 9.55
N ALA D 38 11.51 -7.42 8.90
CA ALA D 38 12.91 -7.74 9.19
C ALA D 38 13.21 -7.46 10.66
N ILE D 39 12.71 -6.35 11.17
CA ILE D 39 12.93 -5.99 12.56
C ILE D 39 12.27 -7.01 13.48
N LYS D 40 11.12 -7.54 13.06
CA LYS D 40 10.42 -8.53 13.87
C LYS D 40 11.19 -9.82 13.86
N ALA D 41 11.92 -10.07 12.77
CA ALA D 41 12.71 -11.28 12.64
C ALA D 41 14.05 -11.21 13.37
N GLY D 42 14.28 -10.13 14.09
CA GLY D 42 15.53 -9.98 14.82
C GLY D 42 16.56 -9.01 14.26
N TYR D 43 16.41 -8.61 12.99
CA TYR D 43 17.36 -7.66 12.41
C TYR D 43 17.33 -6.30 13.11
N ARG D 44 18.50 -5.70 13.26
CA ARG D 44 18.61 -4.41 13.92
C ARG D 44 19.42 -3.41 13.09
N LEU D 45 20.29 -3.93 12.23
CA LEU D 45 21.08 -3.05 11.38
C LEU D 45 20.51 -3.05 9.97
N PHE D 46 20.39 -1.86 9.37
CA PHE D 46 19.89 -1.75 8.01
C PHE D 46 20.87 -0.94 7.18
N ASP D 47 21.44 -1.59 6.18
CA ASP D 47 22.39 -0.93 5.31
C ASP D 47 21.65 -0.27 4.17
N GLY D 48 21.58 1.06 4.22
CA GLY D 48 20.90 1.81 3.19
C GLY D 48 21.85 2.79 2.54
N ALA D 49 21.32 3.66 1.69
CA ALA D 49 22.14 4.65 1.00
C ALA D 49 21.23 5.64 0.29
N GLU D 50 21.71 6.86 0.14
CA GLU D 50 20.94 7.88 -0.55
C GLU D 50 20.63 7.45 -2.00
N ASP D 51 21.59 6.76 -2.63
CA ASP D 51 21.42 6.34 -4.02
C ASP D 51 20.37 5.26 -4.21
N TYR D 52 19.98 4.57 -3.13
CA TYR D 52 18.99 3.51 -3.26
C TYR D 52 17.58 4.07 -3.46
N GLY D 53 17.39 5.35 -3.15
CA GLY D 53 16.11 6.00 -3.33
C GLY D 53 14.92 5.49 -2.53
N ASN D 54 15.19 4.79 -1.44
CA ASN D 54 14.11 4.25 -0.63
C ASN D 54 14.31 4.52 0.85
N GLU D 55 15.13 5.51 1.18
CA GLU D 55 15.40 5.82 2.58
C GLU D 55 14.14 6.24 3.34
N LYS D 56 13.24 6.92 2.64
CA LYS D 56 12.01 7.38 3.25
C LYS D 56 11.18 6.18 3.70
N GLU D 57 11.11 5.15 2.85
CA GLU D 57 10.34 3.96 3.17
C GLU D 57 11.00 3.13 4.27
N VAL D 58 12.33 3.11 4.29
CA VAL D 58 13.06 2.38 5.33
C VAL D 58 12.74 3.08 6.66
N GLY D 59 12.66 4.41 6.60
CA GLY D 59 12.34 5.18 7.77
C GLY D 59 10.95 4.78 8.24
N ASP D 60 10.03 4.58 7.30
CA ASP D 60 8.67 4.20 7.64
C ASP D 60 8.64 2.87 8.39
N GLY D 61 9.48 1.94 7.96
CA GLY D 61 9.54 0.63 8.59
C GLY D 61 10.03 0.72 10.02
N VAL D 62 11.12 1.46 10.21
CA VAL D 62 11.70 1.62 11.53
C VAL D 62 10.72 2.33 12.46
N LYS D 63 10.11 3.41 11.98
CA LYS D 63 9.16 4.18 12.79
C LYS D 63 8.00 3.31 13.24
N ARG D 64 7.44 2.54 12.31
CA ARG D 64 6.33 1.66 12.65
C ARG D 64 6.75 0.72 13.79
N ALA D 65 7.93 0.11 13.65
CA ALA D 65 8.44 -0.81 14.66
C ALA D 65 8.64 -0.09 15.99
N ILE D 66 9.03 1.17 15.93
CA ILE D 66 9.25 1.96 17.14
C ILE D 66 7.93 2.38 17.78
N ASP D 67 6.96 2.77 16.95
CA ASP D 67 5.65 3.18 17.46
C ASP D 67 4.89 2.02 18.09
N GLU D 68 5.18 0.80 17.66
CA GLU D 68 4.52 -0.37 18.21
C GLU D 68 5.20 -0.85 19.49
N GLY D 69 6.32 -0.22 19.83
CA GLY D 69 7.04 -0.61 21.02
C GLY D 69 7.91 -1.84 20.84
N LEU D 70 8.10 -2.27 19.59
CA LEU D 70 8.94 -3.43 19.34
C LEU D 70 10.39 -3.10 19.68
N VAL D 71 10.82 -1.89 19.31
CA VAL D 71 12.17 -1.44 19.56
C VAL D 71 12.23 0.06 19.84
N LYS D 72 13.39 0.52 20.29
CA LYS D 72 13.62 1.94 20.55
C LYS D 72 14.68 2.36 19.54
N ARG D 73 14.75 3.65 19.23
CA ARG D 73 15.73 4.14 18.27
C ARG D 73 17.13 3.61 18.57
N GLU D 74 17.50 3.68 19.86
CA GLU D 74 18.81 3.24 20.33
C GLU D 74 19.17 1.83 19.89
N GLU D 75 18.18 0.97 19.78
CA GLU D 75 18.39 -0.42 19.41
C GLU D 75 18.58 -0.68 17.93
N ILE D 76 18.27 0.32 17.11
CA ILE D 76 18.41 0.18 15.66
C ILE D 76 19.69 0.83 15.20
N PHE D 77 20.41 0.16 14.30
CA PHE D 77 21.65 0.70 13.75
C PHE D 77 21.37 1.04 12.29
N LEU D 78 21.31 2.33 11.97
CA LEU D 78 21.05 2.78 10.61
C LEU D 78 22.30 3.24 9.90
N THR D 79 22.61 2.59 8.78
CA THR D 79 23.76 2.92 7.97
C THR D 79 23.27 3.52 6.66
N SER D 80 23.84 4.66 6.29
CA SER D 80 23.50 5.30 5.03
C SER D 80 24.83 5.67 4.38
N LYS D 81 24.75 6.13 3.13
CA LYS D 81 25.95 6.48 2.39
C LYS D 81 25.82 7.79 1.62
N LEU D 82 26.87 8.60 1.69
CA LEU D 82 26.93 9.89 1.00
C LEU D 82 27.14 9.62 -0.50
N TRP D 83 26.18 10.01 -1.34
CA TRP D 83 26.34 9.75 -2.77
C TRP D 83 27.40 10.64 -3.42
N ASN D 84 27.89 10.22 -4.58
CA ASN D 84 28.95 10.91 -5.33
C ASN D 84 28.78 12.41 -5.66
N ASN D 85 27.55 12.87 -5.89
CA ASN D 85 27.35 14.27 -6.22
C ASN D 85 27.50 15.17 -4.99
N TYR D 86 27.63 14.60 -3.81
CA TYR D 86 27.70 15.42 -2.60
C TYR D 86 29.03 15.42 -1.83
N HIS D 87 30.16 15.37 -2.54
CA HIS D 87 31.45 15.34 -1.85
C HIS D 87 31.96 16.72 -1.42
N ASP D 88 31.63 17.75 -2.20
CA ASP D 88 32.06 19.10 -1.87
C ASP D 88 31.54 19.41 -0.47
N PRO D 89 32.44 19.75 0.47
CA PRO D 89 32.08 20.07 1.86
C PRO D 89 30.78 20.85 2.07
N LYS D 90 30.57 21.89 1.27
CA LYS D 90 29.37 22.69 1.43
C LYS D 90 28.07 21.94 1.13
N ASN D 91 28.17 20.77 0.52
CA ASN D 91 26.97 19.99 0.21
C ASN D 91 26.82 18.72 1.06
N VAL D 92 27.84 18.40 1.86
CA VAL D 92 27.76 17.20 2.68
C VAL D 92 26.63 17.24 3.70
N GLU D 93 26.51 18.32 4.46
CA GLU D 93 25.44 18.38 5.45
C GLU D 93 24.07 18.40 4.78
N THR D 94 23.98 19.04 3.62
CA THR D 94 22.71 19.09 2.90
C THR D 94 22.24 17.66 2.58
N ALA D 95 23.15 16.82 2.12
CA ALA D 95 22.80 15.43 1.79
C ALA D 95 22.46 14.62 3.04
N LEU D 96 23.20 14.84 4.13
CA LEU D 96 22.93 14.12 5.37
C LEU D 96 21.56 14.51 5.90
N ASN D 97 21.23 15.80 5.77
CA ASN D 97 19.94 16.31 6.23
C ASN D 97 18.79 15.66 5.46
N LYS D 98 18.99 15.44 4.16
CA LYS D 98 17.97 14.79 3.36
C LYS D 98 17.82 13.37 3.90
N THR D 99 18.94 12.71 4.15
CA THR D 99 18.93 11.34 4.68
C THR D 99 18.24 11.28 6.05
N LEU D 100 18.58 12.20 6.93
CA LEU D 100 17.98 12.24 8.27
C LEU D 100 16.49 12.51 8.21
N ALA D 101 16.11 13.41 7.31
CA ALA D 101 14.70 13.77 7.12
C ALA D 101 13.93 12.58 6.53
N ASP D 102 14.54 11.87 5.59
CA ASP D 102 13.90 10.71 4.99
C ASP D 102 13.79 9.55 5.98
N LEU D 103 14.87 9.27 6.69
CA LEU D 103 14.89 8.18 7.66
C LEU D 103 14.07 8.58 8.88
N LYS D 104 13.81 9.87 9.00
CA LYS D 104 13.03 10.38 10.11
C LYS D 104 13.73 10.16 11.45
N VAL D 105 15.02 10.49 11.48
CA VAL D 105 15.81 10.35 12.70
C VAL D 105 16.70 11.58 12.87
N ASP D 106 17.24 11.74 14.08
CA ASP D 106 18.11 12.86 14.38
C ASP D 106 19.57 12.57 14.03
N TYR D 107 19.89 11.30 13.84
CA TYR D 107 21.26 10.91 13.50
C TYR D 107 21.29 9.54 12.84
N VAL D 108 22.40 9.24 12.18
CA VAL D 108 22.56 7.93 11.57
C VAL D 108 23.71 7.33 12.36
N ASP D 109 23.72 6.02 12.53
CA ASP D 109 24.77 5.37 13.28
C ASP D 109 26.05 5.28 12.47
N LEU D 110 25.90 5.08 11.16
CA LEU D 110 27.05 4.98 10.29
C LEU D 110 26.77 5.66 8.97
N PHE D 111 27.66 6.55 8.58
CA PHE D 111 27.55 7.29 7.32
C PHE D 111 28.86 7.02 6.58
N LEU D 112 28.74 6.44 5.39
CA LEU D 112 29.91 6.08 4.60
C LEU D 112 30.06 6.87 3.33
N ILE D 113 31.32 7.08 2.92
CA ILE D 113 31.56 7.73 1.65
C ILE D 113 31.28 6.58 0.70
N HIS D 114 30.16 6.66 -0.01
CA HIS D 114 29.76 5.61 -0.93
C HIS D 114 30.86 5.21 -1.91
N PHE D 115 31.52 6.18 -2.50
CA PHE D 115 32.57 5.91 -3.47
C PHE D 115 33.60 7.02 -3.46
N PRO D 116 34.87 6.68 -3.70
CA PRO D 116 35.90 7.73 -3.74
C PRO D 116 35.77 8.36 -5.13
N ILE D 117 34.57 8.85 -5.43
CA ILE D 117 34.27 9.49 -6.71
C ILE D 117 33.40 10.72 -6.44
N ALA D 118 33.78 11.85 -7.01
CA ALA D 118 33.02 13.08 -6.80
C ALA D 118 32.35 13.59 -8.08
N PHE D 119 31.05 13.37 -8.22
CA PHE D 119 30.32 13.86 -9.39
C PHE D 119 29.99 15.31 -9.14
N LYS D 120 29.69 16.05 -10.21
CA LYS D 120 29.34 17.45 -10.04
C LYS D 120 28.06 17.51 -9.23
N PHE D 121 27.97 18.48 -8.33
CA PHE D 121 26.78 18.61 -7.50
C PHE D 121 25.54 18.87 -8.33
N VAL D 122 24.45 18.22 -7.94
CA VAL D 122 23.17 18.40 -8.60
C VAL D 122 22.18 18.68 -7.50
N PRO D 123 21.51 19.85 -7.56
CA PRO D 123 20.52 20.24 -6.55
C PRO D 123 19.52 19.13 -6.25
N ILE D 124 19.30 18.87 -4.97
CA ILE D 124 18.36 17.83 -4.57
C ILE D 124 16.96 18.03 -5.19
N GLU D 125 16.54 19.28 -5.35
CA GLU D 125 15.23 19.57 -5.92
C GLU D 125 15.18 19.38 -7.45
N GLU D 126 16.34 19.19 -8.07
CA GLU D 126 16.41 19.00 -9.51
C GLU D 126 16.27 17.53 -9.85
N LYS D 127 16.89 16.68 -9.03
CA LYS D 127 16.82 15.23 -9.24
C LYS D 127 17.36 14.51 -8.01
N TYR D 128 16.56 13.60 -7.47
CA TYR D 128 16.98 12.85 -6.30
C TYR D 128 16.30 11.50 -6.23
N PRO D 129 17.09 10.41 -6.09
CA PRO D 129 18.55 10.48 -6.01
C PRO D 129 19.08 10.70 -7.44
N PRO D 130 20.19 11.45 -7.56
CA PRO D 130 20.78 11.72 -8.88
C PRO D 130 21.31 10.55 -9.70
N GLY D 131 21.80 9.52 -9.04
CA GLY D 131 22.36 8.39 -9.77
C GLY D 131 23.58 8.88 -10.53
N PHE D 132 23.65 8.57 -11.82
CA PHE D 132 24.78 8.99 -12.65
C PHE D 132 24.57 10.36 -13.27
N TYR D 133 23.47 11.01 -12.97
CA TYR D 133 23.22 12.33 -13.54
C TYR D 133 24.18 13.36 -12.95
N CYS D 134 24.86 14.10 -13.82
CA CYS D 134 25.82 15.11 -13.39
C CYS D 134 25.48 16.52 -13.90
N GLY D 135 24.20 16.78 -14.14
CA GLY D 135 23.79 18.08 -14.59
C GLY D 135 23.95 18.40 -16.07
N ASP D 136 24.41 17.43 -16.87
CA ASP D 136 24.59 17.69 -18.29
C ASP D 136 24.25 16.50 -19.18
N GLY D 137 22.96 16.24 -19.34
CA GLY D 137 22.54 15.11 -20.16
C GLY D 137 23.03 13.77 -19.64
N ASN D 138 23.59 12.96 -20.52
CA ASN D 138 24.10 11.64 -20.16
C ASN D 138 25.59 11.67 -19.86
N ASN D 139 26.16 12.88 -19.85
CA ASN D 139 27.58 13.03 -19.60
C ASN D 139 27.98 13.01 -18.12
N PHE D 140 29.14 12.42 -17.85
CA PHE D 140 29.63 12.39 -16.49
C PHE D 140 30.45 13.66 -16.31
N VAL D 141 30.24 14.34 -15.20
CA VAL D 141 31.00 15.55 -14.90
C VAL D 141 31.44 15.38 -13.45
N TYR D 142 32.70 15.73 -13.17
CA TYR D 142 33.26 15.57 -11.83
C TYR D 142 33.64 16.89 -11.16
N GLU D 143 33.97 16.84 -9.87
CA GLU D 143 34.39 18.00 -9.09
C GLU D 143 35.77 17.73 -8.50
N ASP D 144 36.60 18.74 -8.41
CA ASP D 144 37.93 18.54 -7.83
C ASP D 144 37.85 18.64 -6.32
N VAL D 145 37.33 17.59 -5.69
CA VAL D 145 37.20 17.56 -4.24
C VAL D 145 37.95 16.36 -3.68
N PRO D 146 39.09 16.62 -3.03
CA PRO D 146 39.87 15.52 -2.46
C PRO D 146 39.08 14.83 -1.35
N ILE D 147 39.25 13.53 -1.26
CA ILE D 147 38.58 12.72 -0.26
C ILE D 147 38.64 13.37 1.12
N LEU D 148 39.85 13.75 1.56
CA LEU D 148 40.03 14.34 2.88
C LEU D 148 39.14 15.53 3.16
N GLU D 149 38.86 16.32 2.11
CA GLU D 149 38.00 17.48 2.29
C GLU D 149 36.61 17.01 2.69
N THR D 150 36.15 15.97 2.01
CA THR D 150 34.84 15.41 2.31
C THR D 150 34.87 14.82 3.71
N TRP D 151 35.95 14.12 4.02
CA TRP D 151 36.08 13.48 5.32
C TRP D 151 36.00 14.45 6.47
N LYS D 152 36.66 15.60 6.35
CA LYS D 152 36.63 16.60 7.42
C LYS D 152 35.21 17.12 7.60
N ALA D 153 34.47 17.22 6.49
CA ALA D 153 33.10 17.70 6.56
C ALA D 153 32.32 16.71 7.41
N LEU D 154 32.57 15.41 7.18
CA LEU D 154 31.90 14.35 7.93
C LEU D 154 32.32 14.38 9.39
N GLU D 155 33.61 14.59 9.65
CA GLU D 155 34.10 14.65 11.02
C GLU D 155 33.34 15.73 11.78
N LYS D 156 33.09 16.86 11.12
CA LYS D 156 32.37 17.95 11.75
C LYS D 156 30.94 17.54 12.08
N LEU D 157 30.33 16.75 11.21
CA LEU D 157 28.96 16.31 11.44
C LEU D 157 28.90 15.30 12.59
N VAL D 158 30.01 14.62 12.85
CA VAL D 158 30.05 13.67 13.96
C VAL D 158 30.06 14.50 15.25
N ALA D 159 30.88 15.54 15.27
CA ALA D 159 30.98 16.41 16.44
C ALA D 159 29.64 17.09 16.69
N ALA D 160 28.89 17.33 15.62
CA ALA D 160 27.58 17.97 15.74
C ALA D 160 26.53 17.00 16.24
N GLY D 161 26.89 15.73 16.33
CA GLY D 161 25.95 14.74 16.82
C GLY D 161 25.01 14.15 15.78
N LYS D 162 25.18 14.52 14.51
CA LYS D 162 24.33 13.99 13.47
C LYS D 162 24.78 12.62 12.96
N ILE D 163 26.01 12.24 13.29
CA ILE D 163 26.55 10.94 12.89
C ILE D 163 27.32 10.33 14.06
N LYS D 164 27.13 9.05 14.32
CA LYS D 164 27.85 8.38 15.41
C LYS D 164 29.21 7.90 14.91
N SER D 165 29.20 7.14 13.83
CA SER D 165 30.42 6.60 13.23
C SER D 165 30.44 6.91 11.74
N ILE D 166 31.63 7.16 11.22
CA ILE D 166 31.79 7.44 9.81
C ILE D 166 32.77 6.43 9.25
N GLY D 167 32.60 6.06 7.97
CA GLY D 167 33.51 5.11 7.37
C GLY D 167 33.54 5.29 5.86
N VAL D 168 34.19 4.37 5.17
CA VAL D 168 34.27 4.45 3.72
C VAL D 168 33.87 3.16 3.04
N SER D 169 33.52 3.29 1.77
CA SER D 169 33.10 2.16 0.98
C SER D 169 33.78 2.22 -0.38
N ASN D 170 34.16 1.05 -0.90
CA ASN D 170 34.80 0.94 -2.20
C ASN D 170 36.16 1.64 -2.31
N PHE D 171 36.91 1.63 -1.22
CA PHE D 171 38.23 2.22 -1.16
C PHE D 171 39.30 1.13 -1.27
N PRO D 172 40.29 1.33 -2.15
CA PRO D 172 41.33 0.30 -2.24
C PRO D 172 42.39 0.60 -1.17
N GLY D 173 43.35 -0.29 -1.00
CA GLY D 173 44.38 -0.13 0.00
C GLY D 173 45.12 1.21 0.11
N ALA D 174 45.79 1.61 -0.96
CA ALA D 174 46.55 2.85 -0.95
C ALA D 174 45.69 4.04 -0.53
N LEU D 175 44.45 4.07 -1.02
CA LEU D 175 43.55 5.16 -0.70
C LEU D 175 43.14 5.19 0.77
N LEU D 176 42.85 4.02 1.33
CA LEU D 176 42.47 3.93 2.73
C LEU D 176 43.68 4.35 3.55
N LEU D 177 44.84 3.80 3.21
CA LEU D 177 46.08 4.13 3.91
C LEU D 177 46.27 5.65 3.97
N ASP D 178 46.07 6.32 2.84
CA ASP D 178 46.25 7.77 2.79
C ASP D 178 45.23 8.51 3.64
N LEU D 179 43.97 8.04 3.63
CA LEU D 179 42.95 8.68 4.44
C LEU D 179 43.30 8.50 5.92
N LEU D 180 43.86 7.36 6.27
CA LEU D 180 44.23 7.10 7.66
C LEU D 180 45.26 8.13 8.11
N ARG D 181 46.10 8.59 7.17
CA ARG D 181 47.13 9.57 7.49
C ARG D 181 46.56 10.94 7.82
N GLY D 182 45.55 11.36 7.07
CA GLY D 182 44.97 12.67 7.29
C GLY D 182 43.73 12.76 8.17
N ALA D 183 43.17 11.62 8.56
CA ALA D 183 41.97 11.60 9.38
C ALA D 183 42.23 11.90 10.85
N THR D 184 41.28 12.58 11.49
CA THR D 184 41.38 12.86 12.93
C THR D 184 40.55 11.76 13.55
N ILE D 185 39.37 11.54 12.97
CA ILE D 185 38.48 10.47 13.40
C ILE D 185 38.76 9.38 12.36
N LYS D 186 39.33 8.27 12.81
CA LYS D 186 39.65 7.17 11.92
C LYS D 186 38.41 6.51 11.34
N PRO D 187 38.41 6.23 10.02
CA PRO D 187 37.22 5.58 9.46
C PRO D 187 37.02 4.26 10.21
N ALA D 188 35.83 4.09 10.78
CA ALA D 188 35.52 2.90 11.55
C ALA D 188 35.16 1.67 10.73
N VAL D 189 34.78 1.90 9.49
CA VAL D 189 34.36 0.81 8.62
C VAL D 189 34.81 0.95 7.18
N LEU D 190 35.14 -0.20 6.60
CA LEU D 190 35.52 -0.28 5.20
C LEU D 190 34.50 -1.27 4.64
N GLN D 191 33.62 -0.79 3.78
CA GLN D 191 32.62 -1.67 3.20
C GLN D 191 33.00 -1.91 1.75
N VAL D 192 33.30 -3.16 1.41
CA VAL D 192 33.71 -3.49 0.05
C VAL D 192 33.06 -4.76 -0.46
N GLU D 193 33.07 -4.93 -1.78
CA GLU D 193 32.52 -6.12 -2.41
C GLU D 193 33.39 -7.27 -1.89
N HIS D 194 32.77 -8.32 -1.35
CA HIS D 194 33.54 -9.41 -0.79
C HIS D 194 32.86 -10.77 -0.92
N HIS D 195 33.45 -11.66 -1.70
CA HIS D 195 32.91 -13.00 -1.91
C HIS D 195 34.03 -13.90 -2.43
N PRO D 196 33.82 -15.21 -2.46
CA PRO D 196 34.87 -16.12 -2.95
C PRO D 196 35.54 -15.81 -4.29
N TYR D 197 34.90 -15.04 -5.16
CA TYR D 197 35.53 -14.72 -6.44
C TYR D 197 36.39 -13.47 -6.38
N LEU D 198 36.19 -12.67 -5.34
CA LEU D 198 36.96 -11.44 -5.14
C LEU D 198 37.26 -11.38 -3.64
N GLN D 199 38.27 -12.13 -3.21
CA GLN D 199 38.60 -12.22 -1.79
C GLN D 199 39.50 -11.13 -1.21
N GLN D 200 40.32 -10.50 -2.05
CA GLN D 200 41.23 -9.43 -1.63
C GLN D 200 41.73 -9.62 -0.18
N PRO D 201 42.34 -10.78 0.11
CA PRO D 201 42.86 -11.08 1.45
C PRO D 201 43.83 -10.07 2.05
N LYS D 202 44.70 -9.50 1.22
CA LYS D 202 45.67 -8.53 1.71
C LYS D 202 44.97 -7.27 2.18
N LEU D 203 43.96 -6.84 1.43
CA LEU D 203 43.20 -5.65 1.80
C LEU D 203 42.48 -5.90 3.12
N ILE D 204 41.82 -7.04 3.23
CA ILE D 204 41.10 -7.37 4.45
C ILE D 204 42.08 -7.38 5.63
N GLU D 205 43.24 -7.98 5.39
CA GLU D 205 44.29 -8.09 6.39
C GLU D 205 44.79 -6.72 6.86
N PHE D 206 45.12 -5.85 5.92
CA PHE D 206 45.60 -4.52 6.28
C PHE D 206 44.55 -3.74 7.08
N ALA D 207 43.32 -3.71 6.56
CA ALA D 207 42.24 -2.98 7.22
C ALA D 207 41.98 -3.49 8.63
N GLN D 208 41.89 -4.80 8.79
CA GLN D 208 41.64 -5.36 10.10
C GLN D 208 42.78 -5.07 11.06
N LYS D 209 44.01 -5.12 10.57
CA LYS D 209 45.17 -4.86 11.40
C LYS D 209 45.15 -3.38 11.83
N ALA D 210 44.57 -2.53 10.98
CA ALA D 210 44.50 -1.11 11.27
C ALA D 210 43.33 -0.71 12.19
N GLY D 211 42.57 -1.70 12.67
CA GLY D 211 41.45 -1.38 13.54
C GLY D 211 40.17 -1.02 12.81
N VAL D 212 40.20 -1.06 11.48
CA VAL D 212 39.02 -0.74 10.67
C VAL D 212 38.19 -2.01 10.54
N THR D 213 36.87 -1.88 10.74
CA THR D 213 36.00 -3.02 10.61
C THR D 213 35.52 -3.17 9.17
N ILE D 214 35.49 -4.42 8.70
CA ILE D 214 35.06 -4.70 7.34
C ILE D 214 33.61 -5.11 7.27
N THR D 215 32.89 -4.55 6.31
CA THR D 215 31.51 -4.93 6.07
C THR D 215 31.54 -5.45 4.65
N ALA D 216 31.15 -6.71 4.46
CA ALA D 216 31.16 -7.28 3.12
C ALA D 216 29.83 -6.99 2.43
N TYR D 217 29.88 -6.72 1.13
CA TYR D 217 28.62 -6.53 0.41
C TYR D 217 28.66 -7.47 -0.79
N SER D 218 27.49 -7.92 -1.23
CA SER D 218 27.41 -8.87 -2.35
C SER D 218 28.08 -10.19 -1.94
N SER D 219 27.78 -10.66 -0.73
CA SER D 219 28.37 -11.89 -0.23
C SER D 219 28.02 -13.11 -1.09
N PHE D 220 26.98 -12.99 -1.91
CA PHE D 220 26.57 -14.08 -2.77
C PHE D 220 27.11 -13.91 -4.19
N GLY D 221 28.13 -13.08 -4.33
CA GLY D 221 28.75 -12.86 -5.62
C GLY D 221 27.96 -12.21 -6.74
N PRO D 222 27.83 -12.91 -7.88
CA PRO D 222 27.10 -12.39 -9.06
C PRO D 222 25.59 -12.36 -8.96
N GLN D 223 25.03 -13.06 -7.97
CA GLN D 223 23.59 -13.14 -7.84
C GLN D 223 22.90 -11.78 -7.89
N SER D 224 23.39 -10.86 -7.07
CA SER D 224 22.82 -9.53 -7.00
C SER D 224 22.80 -8.81 -8.34
N PHE D 225 23.89 -8.94 -9.09
CA PHE D 225 23.99 -8.26 -10.37
C PHE D 225 23.32 -9.00 -11.51
N VAL D 226 23.10 -10.31 -11.32
CA VAL D 226 22.43 -11.11 -12.31
C VAL D 226 21.00 -10.57 -12.33
N GLU D 227 20.55 -10.19 -11.15
CA GLU D 227 19.20 -9.67 -10.97
C GLU D 227 19.04 -8.29 -11.60
N MET D 228 20.16 -7.72 -12.03
CA MET D 228 20.18 -6.42 -12.71
C MET D 228 20.45 -6.63 -14.19
N ASN D 229 20.54 -7.90 -14.59
CA ASN D 229 20.80 -8.25 -15.98
C ASN D 229 22.20 -7.84 -16.43
N GLN D 230 23.16 -7.87 -15.49
CA GLN D 230 24.53 -7.53 -15.83
C GLN D 230 25.18 -8.70 -16.57
N GLY D 231 25.81 -8.40 -17.71
CA GLY D 231 26.44 -9.45 -18.48
C GLY D 231 27.52 -10.23 -17.74
N ARG D 232 28.45 -9.52 -17.10
CA ARG D 232 29.54 -10.18 -16.37
C ARG D 232 28.99 -11.19 -15.36
N ALA D 233 28.03 -10.76 -14.54
CA ALA D 233 27.42 -11.62 -13.54
C ALA D 233 26.71 -12.81 -14.17
N LEU D 234 25.94 -12.56 -15.23
CA LEU D 234 25.21 -13.62 -15.92
C LEU D 234 26.16 -14.69 -16.44
N ASN D 235 27.30 -14.26 -16.96
CA ASN D 235 28.30 -15.20 -17.49
C ASN D 235 29.09 -15.91 -16.41
N THR D 236 28.82 -15.62 -15.15
CA THR D 236 29.57 -16.25 -14.06
C THR D 236 28.83 -17.36 -13.32
N PRO D 237 29.45 -18.54 -13.21
CA PRO D 237 28.81 -19.66 -12.51
C PRO D 237 28.46 -19.19 -11.09
N THR D 238 27.28 -19.52 -10.61
CA THR D 238 26.85 -19.09 -9.29
C THR D 238 27.67 -19.76 -8.19
N LEU D 239 27.73 -19.11 -7.04
CA LEU D 239 28.45 -19.68 -5.91
C LEU D 239 27.57 -20.75 -5.27
N PHE D 240 26.26 -20.56 -5.38
CA PHE D 240 25.27 -21.50 -4.83
C PHE D 240 25.37 -22.92 -5.39
N ALA D 241 25.79 -23.05 -6.64
CA ALA D 241 25.91 -24.36 -7.28
C ALA D 241 27.36 -24.77 -7.53
N HIS D 242 28.30 -24.03 -6.93
CA HIS D 242 29.73 -24.32 -7.10
C HIS D 242 30.08 -25.58 -6.31
N ASP D 243 30.79 -26.52 -6.95
CA ASP D 243 31.19 -27.77 -6.30
C ASP D 243 31.88 -27.58 -4.95
N THR D 244 32.77 -26.59 -4.86
CA THR D 244 33.47 -26.37 -3.60
C THR D 244 32.53 -25.94 -2.48
N ILE D 245 31.65 -24.99 -2.79
CA ILE D 245 30.70 -24.52 -1.80
C ILE D 245 29.71 -25.61 -1.38
N LYS D 246 29.24 -26.38 -2.36
CA LYS D 246 28.28 -27.45 -2.07
C LYS D 246 28.87 -28.58 -1.23
N ALA D 247 30.08 -29.01 -1.56
CA ALA D 247 30.74 -30.09 -0.81
C ALA D 247 30.86 -29.68 0.66
N ILE D 248 31.28 -28.45 0.90
CA ILE D 248 31.43 -27.96 2.25
C ILE D 248 30.05 -27.87 2.89
N ALA D 249 29.09 -27.33 2.16
CA ALA D 249 27.73 -27.20 2.67
C ALA D 249 27.18 -28.58 3.07
N ALA D 250 27.33 -29.55 2.18
CA ALA D 250 26.83 -30.90 2.44
C ALA D 250 27.49 -31.53 3.67
N LYS D 251 28.79 -31.32 3.79
CA LYS D 251 29.56 -31.85 4.91
C LYS D 251 29.00 -31.43 6.27
N TYR D 252 28.47 -30.21 6.34
CA TYR D 252 27.92 -29.73 7.59
C TYR D 252 26.40 -29.74 7.61
N ASN D 253 25.81 -30.20 6.52
CA ASN D 253 24.37 -30.26 6.40
C ASN D 253 23.80 -28.84 6.45
N LYS D 254 24.51 -27.92 5.81
CA LYS D 254 24.06 -26.54 5.76
C LYS D 254 23.79 -26.21 4.30
N THR D 255 23.31 -25.01 4.04
CA THR D 255 23.05 -24.60 2.66
C THR D 255 24.25 -23.83 2.17
N PRO D 256 24.48 -23.83 0.85
CA PRO D 256 25.62 -23.12 0.26
C PRO D 256 25.61 -21.66 0.72
N ALA D 257 24.40 -21.09 0.78
CA ALA D 257 24.22 -19.71 1.20
C ALA D 257 24.82 -19.48 2.59
N GLU D 258 24.52 -20.40 3.50
CA GLU D 258 25.03 -20.31 4.87
C GLU D 258 26.54 -20.38 4.91
N VAL D 259 27.12 -21.25 4.10
CA VAL D 259 28.57 -21.39 4.03
C VAL D 259 29.17 -20.06 3.52
N LEU D 260 28.53 -19.46 2.52
CA LEU D 260 29.01 -18.20 1.96
C LEU D 260 28.99 -17.05 3.00
N LEU D 261 27.96 -17.01 3.84
CA LEU D 261 27.88 -15.98 4.86
C LEU D 261 28.83 -16.29 6.03
N ARG D 262 28.88 -17.55 6.45
CA ARG D 262 29.75 -17.94 7.56
C ARG D 262 31.23 -17.74 7.21
N TRP D 263 31.55 -17.95 5.94
CA TRP D 263 32.91 -17.78 5.44
C TRP D 263 33.41 -16.37 5.76
N ALA D 264 32.50 -15.42 5.77
CA ALA D 264 32.88 -14.05 6.08
C ALA D 264 32.82 -13.83 7.60
N ALA D 265 31.66 -14.16 8.18
CA ALA D 265 31.44 -13.99 9.61
C ALA D 265 32.55 -14.53 10.49
N GLN D 266 32.97 -15.76 10.22
CA GLN D 266 33.99 -16.42 11.01
C GLN D 266 35.32 -15.67 11.02
N ARG D 267 35.53 -14.82 10.02
CA ARG D 267 36.77 -14.05 9.93
C ARG D 267 36.61 -12.63 10.45
N GLY D 268 35.52 -12.39 11.17
CA GLY D 268 35.29 -11.08 11.75
C GLY D 268 34.70 -10.05 10.81
N ILE D 269 34.22 -10.50 9.66
CA ILE D 269 33.65 -9.60 8.67
C ILE D 269 32.15 -9.49 8.86
N ALA D 270 31.64 -8.27 8.91
CA ALA D 270 30.20 -8.06 9.07
C ALA D 270 29.53 -8.33 7.72
N VAL D 271 28.28 -8.78 7.75
CA VAL D 271 27.53 -9.05 6.54
C VAL D 271 26.18 -8.34 6.58
N ILE D 272 25.64 -8.09 5.40
CA ILE D 272 24.37 -7.39 5.24
C ILE D 272 23.67 -8.00 4.03
N PRO D 273 23.43 -9.32 4.08
CA PRO D 273 22.77 -9.98 2.96
C PRO D 273 21.43 -9.36 2.61
N ARG D 274 21.04 -9.47 1.33
CA ARG D 274 19.77 -8.93 0.88
C ARG D 274 18.75 -10.06 0.98
N SER D 275 17.83 -9.96 1.93
CA SER D 275 16.81 -10.99 2.11
C SER D 275 15.52 -10.59 1.42
N ASN D 276 15.22 -11.24 0.30
CA ASN D 276 14.02 -10.92 -0.46
C ASN D 276 12.91 -11.97 -0.38
N LEU D 277 12.93 -12.75 0.69
CA LEU D 277 11.93 -13.79 0.94
C LEU D 277 11.97 -14.10 2.43
N PRO D 278 10.78 -14.34 3.04
CA PRO D 278 10.70 -14.65 4.47
C PRO D 278 11.68 -15.74 4.90
N GLU D 279 11.75 -16.81 4.11
CA GLU D 279 12.64 -17.92 4.41
C GLU D 279 14.08 -17.46 4.47
N ARG D 280 14.46 -16.58 3.55
CA ARG D 280 15.83 -16.07 3.53
C ARG D 280 16.13 -15.18 4.74
N LEU D 281 15.17 -14.35 5.14
CA LEU D 281 15.34 -13.48 6.29
C LEU D 281 15.90 -14.29 7.47
N VAL D 282 15.20 -15.37 7.79
CA VAL D 282 15.60 -16.22 8.90
C VAL D 282 16.91 -16.94 8.64
N GLN D 283 17.08 -17.48 7.44
CA GLN D 283 18.31 -18.19 7.10
C GLN D 283 19.53 -17.29 7.10
N ASN D 284 19.38 -16.09 6.55
CA ASN D 284 20.51 -15.17 6.48
C ASN D 284 20.96 -14.55 7.80
N ARG D 285 20.32 -14.93 8.90
CA ARG D 285 20.71 -14.40 10.20
C ARG D 285 20.88 -15.50 11.23
N SER D 286 20.86 -16.75 10.77
CA SER D 286 21.00 -17.89 11.66
C SER D 286 22.03 -18.89 11.14
N PHE D 287 23.05 -18.39 10.44
CA PHE D 287 24.07 -19.26 9.86
C PHE D 287 25.26 -19.60 10.77
N ASN D 288 25.38 -18.92 11.90
CA ASN D 288 26.50 -19.17 12.81
C ASN D 288 26.28 -20.41 13.68
N THR D 289 26.21 -21.57 13.04
CA THR D 289 25.98 -22.81 13.76
C THR D 289 26.99 -23.89 13.42
N PHE D 290 28.13 -23.51 12.85
CA PHE D 290 29.16 -24.47 12.49
C PHE D 290 30.44 -23.71 12.19
N ASP D 291 31.57 -24.40 12.23
CA ASP D 291 32.84 -23.74 11.98
C ASP D 291 33.54 -24.31 10.77
N LEU D 292 34.06 -23.41 9.92
CA LEU D 292 34.79 -23.85 8.75
C LEU D 292 36.19 -24.19 9.23
N THR D 293 36.74 -25.30 8.77
CA THR D 293 38.08 -25.72 9.18
C THR D 293 39.15 -25.00 8.38
N LYS D 294 40.41 -25.25 8.74
CA LYS D 294 41.52 -24.65 8.02
C LYS D 294 41.46 -25.11 6.56
N GLU D 295 41.14 -26.40 6.39
CA GLU D 295 41.03 -27.00 5.07
C GLU D 295 39.94 -26.32 4.24
N ASP D 296 38.77 -26.12 4.86
CA ASP D 296 37.66 -25.46 4.18
C ASP D 296 38.10 -24.12 3.61
N PHE D 297 38.78 -23.32 4.43
CA PHE D 297 39.23 -22.01 3.99
C PHE D 297 40.20 -22.15 2.83
N GLU D 298 41.04 -23.18 2.87
CA GLU D 298 41.99 -23.38 1.78
C GLU D 298 41.27 -23.70 0.48
N GLU D 299 40.22 -24.51 0.59
CA GLU D 299 39.46 -24.89 -0.59
C GLU D 299 38.73 -23.70 -1.17
N ILE D 300 38.09 -22.92 -0.31
CA ILE D 300 37.35 -21.75 -0.77
C ILE D 300 38.30 -20.70 -1.32
N ALA D 301 39.51 -20.64 -0.76
CA ALA D 301 40.50 -19.68 -1.21
C ALA D 301 40.87 -19.88 -2.67
N LYS D 302 40.71 -21.11 -3.17
CA LYS D 302 41.05 -21.41 -4.55
C LYS D 302 40.14 -20.75 -5.58
N LEU D 303 38.96 -20.28 -5.14
CA LEU D 303 38.03 -19.65 -6.08
C LEU D 303 38.35 -18.19 -6.36
N ASP D 304 39.26 -17.61 -5.59
CA ASP D 304 39.61 -16.20 -5.78
C ASP D 304 40.20 -15.95 -7.16
N ILE D 305 39.52 -15.16 -7.97
CA ILE D 305 40.03 -14.86 -9.31
C ILE D 305 39.99 -13.36 -9.54
N GLY D 306 39.72 -12.60 -8.49
CA GLY D 306 39.65 -11.16 -8.60
C GLY D 306 38.54 -10.72 -9.55
N LEU D 307 37.39 -11.37 -9.49
CA LEU D 307 36.27 -11.00 -10.36
C LEU D 307 35.39 -10.01 -9.63
N ARG D 308 35.39 -8.77 -10.14
CA ARG D 308 34.65 -7.67 -9.55
C ARG D 308 33.38 -7.32 -10.33
N PHE D 309 32.24 -7.34 -9.65
CA PHE D 309 30.97 -7.03 -10.29
C PHE D 309 30.58 -5.56 -10.18
N ASN D 310 31.00 -4.91 -9.10
CA ASN D 310 30.67 -3.50 -8.91
C ASN D 310 31.94 -2.70 -9.17
N ASP D 311 32.14 -2.33 -10.41
CA ASP D 311 33.34 -1.62 -10.83
C ASP D 311 33.10 -0.30 -11.56
N PRO D 312 33.47 0.82 -10.94
CA PRO D 312 33.29 2.14 -11.54
C PRO D 312 33.94 2.25 -12.91
N TRP D 313 34.85 1.33 -13.22
CA TRP D 313 35.49 1.37 -14.52
C TRP D 313 34.46 1.10 -15.62
N ASP D 314 33.38 0.42 -15.25
CA ASP D 314 32.32 0.10 -16.19
C ASP D 314 31.46 1.33 -16.48
N TRP D 315 31.35 2.24 -15.52
CA TRP D 315 30.52 3.43 -15.70
C TRP D 315 31.13 4.43 -16.66
N ASP D 316 32.38 4.80 -16.40
CA ASP D 316 33.04 5.81 -17.22
C ASP D 316 34.57 5.68 -17.19
N ASN D 317 35.07 4.44 -17.10
CA ASN D 317 36.51 4.20 -17.06
C ASN D 317 37.15 4.93 -15.86
N ILE D 318 36.44 4.94 -14.74
CA ILE D 318 36.93 5.57 -13.51
C ILE D 318 37.92 4.56 -12.90
N PRO D 319 39.20 4.95 -12.79
CA PRO D 319 40.31 4.15 -12.26
C PRO D 319 40.33 3.80 -10.77
N ILE D 320 39.17 3.57 -10.16
CA ILE D 320 39.17 3.26 -8.75
C ILE D 320 39.89 1.96 -8.37
N PHE D 321 39.66 0.91 -9.16
CA PHE D 321 40.28 -0.36 -8.86
C PHE D 321 41.41 -0.80 -9.78
N VAL D 322 42.09 0.15 -10.42
CA VAL D 322 43.21 -0.18 -11.29
C VAL D 322 44.48 0.49 -10.77
#